data_8DLF
#
_entry.id   8DLF
#
_cell.length_a   1.00
_cell.length_b   1.00
_cell.length_c   1.00
_cell.angle_alpha   90.00
_cell.angle_beta   90.00
_cell.angle_gamma   90.00
#
_symmetry.space_group_name_H-M   'P 1'
#
loop_
_entity.id
_entity.type
_entity.pdbx_description
1 polymer 'Epstein-Barr nuclear antigen 1'
2 polymer '2XFR DNA (56-MER)'
3 polymer '2XFR DNA (56-MER)'
4 water water
#
loop_
_entity_poly.entity_id
_entity_poly.type
_entity_poly.pdbx_seq_one_letter_code
_entity_poly.pdbx_strand_id
1 'polypeptide(L)'
;RRKKGGWFGKHRGQGGSNPKFENIAEGLRALLARSHVERTTDEGTWVAGVFVYGGSKTSLYNLRRGTALAIPQCRLTPLS
RLPFGMAPGPGPQPGPLRESIVCYFMVFLQTHIFAEVLKDAIKDLVMTKPAPTCNIRVTVCSFDDGVDLPPWFPPMVEGA
;
A,B,C,D
2 'polydeoxyribonucleotide'
;(DA)(DT)(DC)(DT)(DG)(DG)(DG)(DT)(DA)(DG)(DT)(DA)(DT)(DA)(DT)(DG)(DC)(DT)(DA)(DT)
(DC)(DC)(DT)(DA)(DA)(DT)(DT)(DT)(DA)(DT)(DA)(DT)(DC)(DT)(DG)(DG)(DG)(DT)(DA)(DG)
(DC)(DA)(DT)(DA)(DG)(DG)(DC)(DT)(DA)(DT)(DC)(DC)(DT)(DA)(DT)(DC)
;
E
3 'polydeoxyribonucleotide'
;(DG)(DA)(DT)(DA)(DG)(DG)(DA)(DT)(DA)(DG)(DC)(DC)(DT)(DA)(DT)(DG)(DC)(DT)(DA)(DC)
(DC)(DC)(DA)(DG)(DA)(DT)(DA)(DT)(DA)(DA)(DA)(DT)(DT)(DA)(DG)(DG)(DA)(DT)(DA)(DG)
(DC)(DA)(DT)(DA)(DT)(DA)(DC)(DT)(DA)(DC)(DC)(DC)(DA)(DG)(DA)(DT)
;
F
#
loop_
_chem_comp.id
_chem_comp.type
_chem_comp.name
_chem_comp.formula
DA DNA linking 2'-DEOXYADENOSINE-5'-MONOPHOSPHATE 'C10 H14 N5 O6 P'
DC DNA linking 2'-DEOXYCYTIDINE-5'-MONOPHOSPHATE 'C9 H14 N3 O7 P'
DG DNA linking 2'-DEOXYGUANOSINE-5'-MONOPHOSPHATE 'C10 H14 N5 O7 P'
DT DNA linking THYMIDINE-5'-MONOPHOSPHATE 'C10 H15 N2 O8 P'
#
# COMPACT_ATOMS: atom_id res chain seq x y z
N ARG A 1 -34.87 56.91 -32.85
CA ARG A 1 -36.03 56.14 -33.29
C ARG A 1 -35.62 54.99 -34.20
N ARG A 2 -36.63 54.36 -34.81
CA ARG A 2 -36.47 53.15 -35.61
C ARG A 2 -35.78 52.06 -34.78
N LYS A 3 -36.12 52.01 -33.50
CA LYS A 3 -35.55 50.99 -32.63
C LYS A 3 -36.09 49.63 -33.02
N LYS A 4 -35.23 48.62 -32.99
CA LYS A 4 -35.59 47.33 -33.54
C LYS A 4 -35.00 46.25 -32.66
N GLY A 5 -34.99 45.04 -33.20
CA GLY A 5 -34.33 43.91 -32.61
C GLY A 5 -34.36 42.85 -33.66
N GLY A 6 -34.13 41.60 -33.25
CA GLY A 6 -34.17 40.47 -34.19
C GLY A 6 -32.79 40.04 -34.61
N TRP A 7 -32.68 38.89 -35.29
CA TRP A 7 -31.35 38.36 -35.68
C TRP A 7 -30.75 39.26 -36.75
N PHE A 8 -29.47 39.58 -36.62
CA PHE A 8 -28.81 40.49 -37.61
C PHE A 8 -27.65 39.72 -38.26
N GLY A 9 -27.66 38.40 -38.16
CA GLY A 9 -26.68 37.61 -38.86
C GLY A 9 -25.41 37.19 -38.13
N LYS A 10 -24.59 38.15 -37.72
CA LYS A 10 -23.26 37.81 -37.21
C LYS A 10 -23.33 37.42 -35.75
N HIS A 11 -22.36 36.59 -35.34
CA HIS A 11 -22.34 35.99 -34.01
C HIS A 11 -21.34 36.71 -33.10
N ARG A 12 -21.08 36.11 -31.94
CA ARG A 12 -20.23 36.71 -30.92
C ARG A 12 -18.80 36.86 -31.41
N GLY A 13 -18.20 38.02 -31.13
CA GLY A 13 -16.82 38.28 -31.47
C GLY A 13 -16.54 38.33 -32.95
N GLN A 14 -17.38 39.02 -33.72
CA GLN A 14 -17.21 39.13 -35.17
C GLN A 14 -17.24 40.61 -35.56
N GLY A 15 -16.17 41.06 -36.22
CA GLY A 15 -16.06 42.47 -36.56
C GLY A 15 -17.03 42.90 -37.64
N GLY A 16 -17.11 44.20 -37.82
CA GLY A 16 -17.98 44.78 -38.83
C GLY A 16 -17.40 46.06 -39.37
N SER A 17 -17.76 46.39 -40.61
CA SER A 17 -17.27 47.59 -41.29
C SER A 17 -18.31 48.69 -41.15
N ASN A 18 -18.07 49.62 -40.25
CA ASN A 18 -18.94 50.78 -40.05
C ASN A 18 -18.11 52.04 -40.17
N PRO A 19 -18.68 53.11 -40.73
CA PRO A 19 -17.89 54.34 -40.91
C PRO A 19 -17.29 54.89 -39.63
N LYS A 20 -18.03 54.84 -38.52
CA LYS A 20 -17.50 55.29 -37.24
C LYS A 20 -16.36 54.40 -36.76
N PHE A 21 -16.59 53.08 -36.78
CA PHE A 21 -15.52 52.15 -36.44
C PHE A 21 -14.38 52.24 -37.43
N GLU A 22 -14.68 52.51 -38.70
CA GLU A 22 -13.63 52.69 -39.69
C GLU A 22 -12.75 53.89 -39.34
N ASN A 23 -13.37 55.00 -38.93
CA ASN A 23 -12.59 56.18 -38.58
C ASN A 23 -11.74 55.93 -37.33
N ILE A 24 -12.32 55.27 -36.32
CA ILE A 24 -11.56 54.97 -35.12
C ILE A 24 -10.37 54.07 -35.44
N ALA A 25 -10.62 53.03 -36.26
CA ALA A 25 -9.55 52.13 -36.65
C ALA A 25 -8.49 52.84 -37.47
N GLU A 26 -8.91 53.77 -38.36
CA GLU A 26 -7.95 54.54 -39.13
C GLU A 26 -7.07 55.39 -38.23
N GLY A 27 -7.67 56.04 -37.23
CA GLY A 27 -6.88 56.83 -36.30
C GLY A 27 -5.88 55.99 -35.54
N LEU A 28 -6.34 54.86 -35.00
CA LEU A 28 -5.43 53.98 -34.27
C LEU A 28 -4.31 53.46 -35.16
N ARG A 29 -4.66 52.99 -36.36
CA ARG A 29 -3.66 52.44 -37.27
C ARG A 29 -2.65 53.49 -37.70
N ALA A 30 -3.13 54.71 -37.99
CA ALA A 30 -2.22 55.80 -38.34
C ALA A 30 -1.27 56.09 -37.19
N LEU A 31 -1.78 56.10 -35.96
CA LEU A 31 -0.88 56.20 -34.81
C LEU A 31 0.00 54.97 -34.71
N LEU A 32 -0.56 53.79 -35.02
CA LEU A 32 0.23 52.56 -34.99
C LEU A 32 1.17 52.44 -36.17
N ALA A 33 0.96 53.22 -37.23
CA ALA A 33 1.81 53.15 -38.42
C ALA A 33 2.99 54.11 -38.36
N ARG A 34 3.15 54.86 -37.28
CA ARG A 34 4.29 55.77 -37.14
C ARG A 34 5.56 55.04 -36.73
N SER A 35 5.48 53.76 -36.37
CA SER A 35 6.65 52.99 -35.98
C SER A 35 6.33 51.51 -36.19
N HIS A 36 7.01 50.88 -37.14
CA HIS A 36 6.78 49.47 -37.42
C HIS A 36 7.20 48.62 -36.24
N VAL A 37 6.38 47.61 -35.93
CA VAL A 37 6.63 46.66 -34.84
C VAL A 37 6.20 45.28 -35.31
N GLU A 38 6.63 44.27 -34.55
CA GLU A 38 6.20 42.89 -34.80
C GLU A 38 4.80 42.71 -34.23
N ARG A 39 3.79 42.91 -35.09
CA ARG A 39 2.41 42.79 -34.65
C ARG A 39 2.06 41.38 -34.19
N THR A 40 2.87 40.39 -34.56
CA THR A 40 2.66 39.00 -34.15
C THR A 40 4.01 38.37 -33.85
N THR A 41 3.96 37.11 -33.40
CA THR A 41 5.16 36.35 -33.05
C THR A 41 5.35 35.23 -34.06
N ASP A 42 6.61 34.92 -34.36
CA ASP A 42 6.93 33.84 -35.29
C ASP A 42 6.42 32.50 -34.81
N GLU A 43 6.16 32.35 -33.51
CA GLU A 43 5.50 31.17 -32.96
C GLU A 43 4.13 31.49 -32.38
N GLY A 44 3.66 32.72 -32.52
CA GLY A 44 2.35 33.11 -32.04
C GLY A 44 2.19 33.11 -30.53
N THR A 45 3.16 33.64 -29.80
CA THR A 45 3.09 33.71 -28.35
C THR A 45 2.79 35.15 -27.94
N TRP A 46 1.73 35.32 -27.16
CA TRP A 46 1.30 36.62 -26.66
C TRP A 46 1.84 36.80 -25.25
N VAL A 47 2.61 37.88 -25.04
CA VAL A 47 3.23 38.14 -23.76
C VAL A 47 2.78 39.49 -23.19
N ALA A 48 1.69 40.06 -23.72
CA ALA A 48 1.22 41.36 -23.25
C ALA A 48 -0.28 41.44 -23.50
N GLY A 49 -1.06 41.40 -22.41
CA GLY A 49 -2.49 41.59 -22.53
C GLY A 49 -2.88 43.05 -22.58
N VAL A 50 -4.14 43.29 -22.89
CA VAL A 50 -4.70 44.64 -23.01
C VAL A 50 -6.00 44.70 -22.23
N PHE A 51 -6.19 45.78 -21.48
CA PHE A 51 -7.26 45.91 -20.48
C PHE A 51 -7.96 47.26 -20.63
N VAL A 52 -8.42 47.56 -21.85
CA VAL A 52 -9.17 48.79 -22.09
C VAL A 52 -10.35 48.89 -21.12
N TYR A 53 -10.37 49.93 -20.29
CA TYR A 53 -11.43 50.11 -19.31
C TYR A 53 -11.75 51.59 -19.17
N GLY A 54 -12.83 51.87 -18.46
CA GLY A 54 -13.24 53.23 -18.19
C GLY A 54 -14.40 53.70 -19.06
N GLY A 55 -14.47 55.01 -19.23
CA GLY A 55 -15.46 55.60 -20.11
C GLY A 55 -16.88 55.23 -19.71
N SER A 56 -17.63 54.73 -20.68
CA SER A 56 -18.97 54.21 -20.45
C SER A 56 -19.13 52.92 -21.23
N LYS A 57 -20.29 52.27 -21.06
CA LYS A 57 -20.50 50.98 -21.71
C LYS A 57 -20.57 51.12 -23.22
N THR A 58 -21.40 52.06 -23.72
CA THR A 58 -21.53 52.24 -25.15
C THR A 58 -20.24 52.75 -25.78
N SER A 59 -19.60 53.73 -25.13
CA SER A 59 -18.35 54.27 -25.61
C SER A 59 -17.22 53.25 -25.55
N LEU A 60 -17.39 52.17 -24.80
CA LEU A 60 -16.39 51.11 -24.76
C LEU A 60 -16.69 50.01 -25.79
N TYR A 61 -17.95 49.67 -25.98
CA TYR A 61 -18.30 48.71 -27.04
C TYR A 61 -17.94 49.27 -28.41
N ASN A 62 -18.21 50.56 -28.64
CA ASN A 62 -17.80 51.17 -29.89
C ASN A 62 -16.28 51.19 -30.03
N LEU A 63 -15.57 51.44 -28.94
CA LEU A 63 -14.11 51.39 -29.01
C LEU A 63 -13.62 49.97 -29.28
N ARG A 64 -14.33 48.96 -28.78
CA ARG A 64 -13.98 47.58 -29.09
C ARG A 64 -14.13 47.29 -30.57
N ARG A 65 -15.27 47.69 -31.14
CA ARG A 65 -15.46 47.48 -32.58
C ARG A 65 -14.46 48.30 -33.39
N GLY A 66 -14.03 49.44 -32.86
CA GLY A 66 -13.03 50.23 -33.57
C GLY A 66 -11.63 49.65 -33.49
N THR A 67 -11.30 48.98 -32.39
CA THR A 67 -10.03 48.30 -32.24
C THR A 67 -10.02 46.94 -32.91
N ALA A 68 -11.20 46.41 -33.24
CA ALA A 68 -11.28 45.11 -33.90
C ALA A 68 -10.60 45.12 -35.26
N LEU A 69 -10.79 46.20 -36.02
CA LEU A 69 -10.33 46.28 -37.40
C LEU A 69 -9.21 47.31 -37.56
N ALA A 70 -8.27 47.33 -36.62
CA ALA A 70 -7.11 48.20 -36.74
C ALA A 70 -5.79 47.54 -36.39
N ILE A 71 -5.79 46.36 -35.77
CA ILE A 71 -4.58 45.70 -35.30
C ILE A 71 -4.51 44.32 -35.96
N PRO A 72 -3.36 43.92 -36.50
CA PRO A 72 -3.27 42.61 -37.15
C PRO A 72 -3.59 41.44 -36.22
N GLN A 73 -2.87 41.31 -35.12
CA GLN A 73 -3.06 40.21 -34.18
C GLN A 73 -3.47 40.78 -32.82
N CYS A 74 -4.76 40.71 -32.53
CA CYS A 74 -5.30 41.12 -31.24
C CYS A 74 -6.40 40.14 -30.84
N ARG A 75 -6.67 40.06 -29.54
CA ARG A 75 -7.54 39.03 -28.97
C ARG A 75 -8.53 39.64 -27.99
N LEU A 76 -9.27 40.62 -28.51
CA LEU A 76 -10.25 41.35 -27.66
C LEU A 76 -11.39 40.42 -27.24
N THR A 77 -11.76 40.47 -25.98
CA THR A 77 -12.81 39.63 -25.39
C THR A 77 -14.09 40.43 -25.20
N PRO A 78 -15.20 39.76 -24.85
CA PRO A 78 -16.42 40.50 -24.49
C PRO A 78 -16.19 41.39 -23.28
N LEU A 79 -16.96 42.46 -23.22
CA LEU A 79 -16.81 43.43 -22.14
C LEU A 79 -17.35 42.87 -20.82
N SER A 80 -16.69 43.25 -19.72
CA SER A 80 -17.11 42.87 -18.38
C SER A 80 -16.85 44.05 -17.45
N ARG A 81 -17.14 43.86 -16.16
CA ARG A 81 -17.06 44.93 -15.16
C ARG A 81 -15.82 44.75 -14.28
N LEU A 82 -15.63 45.70 -13.37
CA LEU A 82 -14.41 45.81 -12.58
C LEU A 82 -14.71 45.86 -11.10
N PRO A 83 -13.80 45.34 -10.27
CA PRO A 83 -14.02 45.37 -8.82
C PRO A 83 -13.88 46.77 -8.24
N PHE A 84 -14.53 46.98 -7.09
CA PHE A 84 -14.64 48.31 -6.52
C PHE A 84 -13.29 48.86 -6.09
N GLY A 85 -12.53 48.10 -5.30
CA GLY A 85 -11.21 48.53 -4.91
C GLY A 85 -11.10 49.06 -3.48
N MET A 86 -10.58 50.27 -3.34
CA MET A 86 -10.31 50.86 -2.02
C MET A 86 -11.61 51.38 -1.41
N ALA A 87 -11.49 52.14 -0.32
CA ALA A 87 -12.62 52.79 0.32
C ALA A 87 -12.19 54.18 0.78
N PRO A 88 -13.14 55.11 0.90
CA PRO A 88 -12.78 56.43 1.42
C PRO A 88 -12.41 56.37 2.90
N GLY A 89 -11.12 56.53 3.20
CA GLY A 89 -10.64 56.43 4.55
C GLY A 89 -9.54 55.41 4.69
N PRO A 90 -8.72 55.55 5.73
CA PRO A 90 -7.62 54.59 5.93
C PRO A 90 -8.09 53.20 6.30
N GLY A 91 -9.00 53.11 7.27
CA GLY A 91 -9.39 51.84 7.84
C GLY A 91 -10.33 51.01 6.98
N PRO A 92 -11.54 51.53 6.73
CA PRO A 92 -12.56 50.71 6.04
C PRO A 92 -12.12 50.29 4.66
N GLN A 93 -12.57 49.09 4.25
CA GLN A 93 -12.30 48.52 2.94
C GLN A 93 -13.50 47.71 2.49
N PRO A 94 -13.87 47.76 1.21
CA PRO A 94 -15.05 47.04 0.72
C PRO A 94 -14.76 45.53 0.59
N GLY A 95 -15.78 44.82 0.13
CA GLY A 95 -15.68 43.38 -0.04
C GLY A 95 -14.73 43.00 -1.16
N PRO A 96 -14.25 41.75 -1.13
CA PRO A 96 -13.29 41.31 -2.15
C PRO A 96 -13.91 41.19 -3.53
N LEU A 97 -15.08 40.59 -3.62
CA LEU A 97 -15.74 40.36 -4.89
C LEU A 97 -16.57 41.53 -5.36
N ARG A 98 -16.62 42.63 -4.61
CA ARG A 98 -17.46 43.76 -4.96
C ARG A 98 -16.96 44.41 -6.25
N GLU A 99 -17.85 44.50 -7.24
CA GLU A 99 -17.50 44.94 -8.59
C GLU A 99 -18.22 46.25 -8.91
N SER A 100 -17.46 47.21 -9.42
CA SER A 100 -17.98 48.56 -9.68
C SER A 100 -18.72 48.57 -11.02
N ILE A 101 -19.05 49.77 -11.51
CA ILE A 101 -19.74 49.92 -12.79
C ILE A 101 -18.80 50.33 -13.90
N VAL A 102 -17.51 50.43 -13.63
CA VAL A 102 -16.52 50.68 -14.67
C VAL A 102 -16.32 49.40 -15.46
N CYS A 103 -16.49 49.47 -16.78
CA CYS A 103 -16.43 48.29 -17.63
C CYS A 103 -15.03 48.13 -18.21
N TYR A 104 -14.80 46.96 -18.82
CA TYR A 104 -13.52 46.63 -19.42
C TYR A 104 -13.72 45.49 -20.40
N PHE A 105 -12.74 45.33 -21.29
CA PHE A 105 -12.66 44.10 -22.06
C PHE A 105 -11.20 43.78 -22.33
N MET A 106 -10.89 42.49 -22.35
CA MET A 106 -9.52 42.01 -22.42
C MET A 106 -9.09 41.84 -23.87
N VAL A 107 -7.91 42.38 -24.21
CA VAL A 107 -7.23 42.13 -25.47
C VAL A 107 -5.84 41.61 -25.14
N PHE A 108 -5.19 41.01 -26.16
CA PHE A 108 -3.84 40.48 -26.01
C PHE A 108 -3.01 40.87 -27.22
N LEU A 109 -1.75 41.22 -26.99
CA LEU A 109 -0.83 41.61 -28.05
C LEU A 109 0.53 40.97 -27.82
N GLN A 110 1.19 40.58 -28.91
CA GLN A 110 2.54 40.07 -28.82
C GLN A 110 3.54 41.20 -28.59
N THR A 111 4.61 40.88 -27.87
CA THR A 111 5.67 41.82 -27.49
C THR A 111 5.15 42.92 -26.58
N HIS A 112 6.06 43.55 -25.82
CA HIS A 112 5.70 44.62 -24.92
C HIS A 112 5.88 46.00 -25.53
N ILE A 113 6.41 46.09 -26.75
CA ILE A 113 6.68 47.37 -27.40
C ILE A 113 5.64 47.71 -28.46
N PHE A 114 4.60 46.89 -28.61
CA PHE A 114 3.45 47.19 -29.45
C PHE A 114 2.18 47.38 -28.64
N ALA A 115 2.07 46.67 -27.51
CA ALA A 115 0.89 46.82 -26.66
C ALA A 115 0.81 48.22 -26.07
N GLU A 116 1.95 48.80 -25.69
CA GLU A 116 1.94 50.15 -25.16
C GLU A 116 1.52 51.17 -26.21
N VAL A 117 1.96 50.98 -27.46
CA VAL A 117 1.55 51.88 -28.54
C VAL A 117 0.07 51.74 -28.81
N LEU A 118 -0.46 50.51 -28.77
CA LEU A 118 -1.90 50.33 -28.87
C LEU A 118 -2.62 51.07 -27.75
N LYS A 119 -2.09 50.97 -26.52
CA LYS A 119 -2.68 51.70 -25.40
C LYS A 119 -2.74 53.19 -25.69
N ASP A 120 -1.61 53.75 -26.13
CA ASP A 120 -1.56 55.19 -26.38
C ASP A 120 -2.56 55.60 -27.45
N ALA A 121 -2.64 54.85 -28.55
CA ALA A 121 -3.56 55.19 -29.62
C ALA A 121 -5.01 55.06 -29.18
N ILE A 122 -5.36 53.90 -28.60
CA ILE A 122 -6.73 53.65 -28.19
C ILE A 122 -7.16 54.56 -27.06
N LYS A 123 -6.20 55.17 -26.36
CA LYS A 123 -6.55 56.16 -25.35
C LYS A 123 -6.77 57.53 -25.98
N ASP A 124 -5.77 58.04 -26.71
CA ASP A 124 -5.86 59.40 -27.23
C ASP A 124 -6.99 59.53 -28.25
N LEU A 125 -7.02 58.65 -29.26
CA LEU A 125 -7.94 58.83 -30.37
C LEU A 125 -9.39 58.78 -29.92
N VAL A 126 -9.68 58.12 -28.79
CA VAL A 126 -11.06 58.00 -28.31
C VAL A 126 -11.35 58.89 -27.12
N MET A 127 -10.34 59.47 -26.48
CA MET A 127 -10.59 60.35 -25.35
C MET A 127 -10.50 61.83 -25.70
N THR A 128 -9.62 62.18 -26.64
CA THR A 128 -9.40 63.59 -26.98
C THR A 128 -10.41 64.05 -28.04
N LYS A 129 -11.63 63.50 -27.99
CA LYS A 129 -12.70 63.94 -28.91
C LYS A 129 -14.04 64.02 -28.17
N PRO A 130 -14.58 62.90 -27.61
CA PRO A 130 -15.89 62.90 -26.98
C PRO A 130 -15.84 63.08 -25.46
N ALA A 131 -16.63 64.02 -24.93
CA ALA A 131 -16.69 64.22 -23.47
C ALA A 131 -16.99 62.88 -22.77
N PRO A 132 -18.14 62.21 -23.02
CA PRO A 132 -18.46 60.95 -22.33
C PRO A 132 -17.47 59.83 -22.59
N THR A 133 -16.50 60.02 -23.49
CA THR A 133 -15.51 59.02 -23.83
C THR A 133 -14.10 59.43 -23.42
N CYS A 134 -13.96 60.52 -22.66
CA CYS A 134 -12.66 60.98 -22.23
C CYS A 134 -12.21 60.33 -20.93
N ASN A 135 -12.76 59.15 -20.60
CA ASN A 135 -12.40 58.45 -19.38
C ASN A 135 -12.01 57.00 -19.64
N ILE A 136 -11.68 56.65 -20.89
CA ILE A 136 -11.28 55.28 -21.21
C ILE A 136 -9.77 55.21 -21.01
N ARG A 137 -9.38 55.01 -19.75
CA ARG A 137 -7.98 54.83 -19.40
C ARG A 137 -7.60 53.37 -19.59
N VAL A 138 -6.43 53.14 -20.18
CA VAL A 138 -6.00 51.81 -20.59
C VAL A 138 -4.85 51.37 -19.70
N THR A 139 -4.91 50.13 -19.23
CA THR A 139 -3.88 49.57 -18.34
C THR A 139 -3.32 48.30 -18.93
N VAL A 140 -2.89 48.37 -20.20
CA VAL A 140 -2.45 47.23 -20.99
C VAL A 140 -1.58 46.31 -20.13
N CYS A 141 -1.95 45.04 -20.08
CA CYS A 141 -1.31 44.08 -19.18
C CYS A 141 0.10 43.79 -19.67
N SER A 142 1.10 44.32 -18.96
CA SER A 142 2.50 44.09 -19.32
C SER A 142 2.99 42.85 -18.58
N PHE A 143 2.60 41.70 -19.11
CA PHE A 143 2.94 40.43 -18.50
C PHE A 143 4.44 40.16 -18.57
N ASP A 144 4.92 39.33 -17.64
CA ASP A 144 6.25 38.75 -17.71
C ASP A 144 6.19 37.26 -18.02
N ASP A 145 5.03 36.74 -18.39
CA ASP A 145 4.84 35.33 -18.70
C ASP A 145 3.92 35.23 -19.91
N GLY A 146 3.40 34.03 -20.16
CA GLY A 146 2.51 33.78 -21.28
C GLY A 146 1.11 33.40 -20.85
N VAL A 147 0.27 33.24 -21.87
CA VAL A 147 -1.14 32.89 -21.69
C VAL A 147 -1.46 31.70 -22.60
N ASP A 148 -2.73 31.33 -22.68
CA ASP A 148 -3.14 30.25 -23.57
C ASP A 148 -3.09 30.71 -25.01
N LEU A 149 -1.92 30.59 -25.65
CA LEU A 149 -1.79 31.06 -27.02
C LEU A 149 -2.65 30.27 -28.00
N PRO A 150 -2.65 28.94 -28.01
CA PRO A 150 -3.61 28.19 -28.85
C PRO A 150 -4.83 27.73 -28.07
N PRO A 151 -5.81 28.61 -27.74
CA PRO A 151 -7.10 28.14 -27.18
C PRO A 151 -8.11 27.84 -28.29
N TRP A 152 -7.66 27.10 -29.31
CA TRP A 152 -8.43 26.91 -30.53
C TRP A 152 -8.59 25.43 -30.83
N PHE A 153 -9.74 25.07 -31.37
CA PHE A 153 -10.00 23.71 -31.83
C PHE A 153 -9.62 23.56 -33.30
N PRO A 154 -9.39 22.34 -33.76
CA PRO A 154 -9.00 22.11 -35.16
C PRO A 154 -9.99 22.68 -36.17
N PRO A 155 -11.32 22.68 -35.90
CA PRO A 155 -12.24 23.22 -36.91
C PRO A 155 -12.06 24.71 -37.16
N MET A 156 -11.01 25.06 -37.91
CA MET A 156 -10.79 26.43 -38.35
C MET A 156 -11.80 26.80 -39.44
N VAL A 157 -12.03 28.10 -39.58
CA VAL A 157 -13.00 28.66 -40.53
C VAL A 157 -14.36 28.02 -40.30
N GLU A 158 -14.59 27.53 -39.08
CA GLU A 158 -15.83 26.85 -38.70
C GLU A 158 -16.15 25.71 -39.66
N GLY A 159 -15.10 25.08 -40.21
CA GLY A 159 -15.28 23.99 -41.16
C GLY A 159 -14.65 22.69 -40.69
N ALA A 160 -13.63 22.23 -41.40
CA ALA A 160 -12.97 20.98 -41.07
C ALA A 160 -12.06 21.13 -39.86
N ARG B 2 -33.88 19.41 -5.68
CA ARG B 2 -35.26 19.89 -5.64
C ARG B 2 -35.30 21.42 -5.57
N LYS B 3 -34.39 21.99 -4.79
CA LYS B 3 -34.26 23.43 -4.64
C LYS B 3 -33.17 23.94 -5.58
N LYS B 4 -33.54 24.77 -6.54
CA LYS B 4 -32.60 25.32 -7.48
C LYS B 4 -32.00 26.62 -6.92
N GLY B 5 -31.19 27.29 -7.72
CA GLY B 5 -30.63 28.56 -7.27
C GLY B 5 -31.07 29.73 -8.13
N GLY B 6 -31.92 30.58 -7.56
CA GLY B 6 -32.36 31.78 -8.22
C GLY B 6 -31.65 33.01 -7.69
N TRP B 7 -32.30 34.15 -7.84
CA TRP B 7 -31.77 35.38 -7.27
C TRP B 7 -31.98 35.38 -5.77
N PHE B 8 -30.89 35.34 -5.03
CA PHE B 8 -30.96 35.35 -3.59
C PHE B 8 -30.90 36.75 -3.01
N GLY B 9 -30.83 37.78 -3.86
CA GLY B 9 -30.59 39.13 -3.41
C GLY B 9 -29.13 39.46 -3.20
N LYS B 10 -28.24 38.50 -3.36
CA LYS B 10 -26.81 38.71 -3.18
C LYS B 10 -26.25 39.27 -4.48
N HIS B 11 -25.77 40.51 -4.43
CA HIS B 11 -25.32 41.20 -5.64
C HIS B 11 -23.96 40.67 -6.06
N ARG B 12 -23.37 41.31 -7.06
CA ARG B 12 -22.04 40.95 -7.53
C ARG B 12 -21.00 41.37 -6.50
N GLY B 13 -20.62 40.47 -5.60
CA GLY B 13 -19.66 40.80 -4.58
C GLY B 13 -19.90 40.16 -3.24
N GLN B 14 -21.08 39.56 -3.05
CA GLN B 14 -21.39 38.88 -1.81
C GLN B 14 -20.55 37.61 -1.74
N GLY B 15 -19.47 37.66 -0.95
CA GLY B 15 -18.65 36.49 -0.72
C GLY B 15 -19.03 35.76 0.55
N GLY B 16 -20.30 35.36 0.64
CA GLY B 16 -20.76 34.68 1.84
C GLY B 16 -20.11 33.31 2.00
N SER B 17 -19.90 32.93 3.25
CA SER B 17 -19.28 31.65 3.55
C SER B 17 -20.21 30.50 3.18
N ASN B 18 -19.61 29.39 2.76
CA ASN B 18 -20.33 28.19 2.37
C ASN B 18 -19.38 27.02 2.58
N PRO B 19 -19.87 25.88 3.09
CA PRO B 19 -18.94 24.79 3.46
C PRO B 19 -18.03 24.34 2.33
N LYS B 20 -18.54 24.26 1.10
CA LYS B 20 -17.68 23.93 -0.03
C LYS B 20 -16.61 24.98 -0.23
N PHE B 21 -17.03 26.25 -0.34
CA PHE B 21 -16.06 27.34 -0.46
C PHE B 21 -15.24 27.49 0.81
N GLU B 22 -15.84 27.19 1.97
CA GLU B 22 -15.10 27.27 3.23
C GLU B 22 -13.90 26.32 3.22
N ASN B 23 -14.13 25.05 2.88
CA ASN B 23 -13.02 24.10 2.90
C ASN B 23 -12.06 24.34 1.74
N ILE B 24 -12.55 24.80 0.58
CA ILE B 24 -11.65 25.14 -0.51
C ILE B 24 -10.71 26.26 -0.08
N ALA B 25 -11.26 27.29 0.55
CA ALA B 25 -10.43 28.41 1.02
C ALA B 25 -9.50 27.97 2.14
N GLU B 26 -9.96 27.08 3.01
CA GLU B 26 -9.09 26.57 4.08
C GLU B 26 -7.89 25.84 3.49
N GLY B 27 -8.13 24.99 2.50
CA GLY B 27 -7.02 24.33 1.83
C GLY B 27 -6.10 25.32 1.13
N LEU B 28 -6.68 26.36 0.51
CA LEU B 28 -5.86 27.35 -0.17
C LEU B 28 -4.96 28.10 0.80
N ARG B 29 -5.51 28.58 1.91
CA ARG B 29 -4.70 29.33 2.85
C ARG B 29 -3.79 28.43 3.67
N ALA B 30 -4.07 27.12 3.73
CA ALA B 30 -3.07 26.19 4.22
C ALA B 30 -1.91 26.08 3.25
N LEU B 31 -2.21 26.01 1.95
CA LEU B 31 -1.16 26.10 0.94
C LEU B 31 -0.51 27.48 0.95
N LEU B 32 -1.30 28.53 1.14
CA LEU B 32 -0.75 29.88 1.19
C LEU B 32 0.06 30.14 2.44
N ALA B 33 -0.06 29.28 3.47
CA ALA B 33 0.75 29.42 4.67
C ALA B 33 2.14 28.84 4.51
N ARG B 34 2.43 28.17 3.39
CA ARG B 34 3.76 27.61 3.16
C ARG B 34 4.80 28.67 2.85
N SER B 35 4.38 29.92 2.62
CA SER B 35 5.30 31.01 2.35
C SER B 35 4.90 32.22 3.20
N HIS B 36 5.87 33.08 3.47
CA HIS B 36 5.68 34.26 4.32
C HIS B 36 5.68 35.50 3.42
N VAL B 37 4.50 35.83 2.90
CA VAL B 37 4.31 36.99 2.05
C VAL B 37 3.07 37.75 2.52
N GLU B 38 3.17 39.07 2.58
CA GLU B 38 2.07 39.88 3.06
C GLU B 38 0.87 39.78 2.12
N ARG B 39 -0.32 39.69 2.72
CA ARG B 39 -1.55 39.55 1.97
C ARG B 39 -2.12 40.88 1.50
N THR B 40 -1.50 42.00 1.86
CA THR B 40 -1.99 43.32 1.49
C THR B 40 -0.81 44.26 1.29
N THR B 41 -1.13 45.51 0.93
CA THR B 41 -0.14 46.55 0.76
C THR B 41 -0.70 47.84 1.36
N ASP B 42 0.21 48.71 1.81
CA ASP B 42 -0.21 49.92 2.53
C ASP B 42 -1.13 50.79 1.69
N GLU B 43 -0.70 51.13 0.47
CA GLU B 43 -1.54 51.96 -0.38
C GLU B 43 -2.70 51.20 -1.00
N GLY B 44 -2.63 49.88 -1.06
CA GLY B 44 -3.73 49.08 -1.58
C GLY B 44 -4.07 49.36 -3.03
N THR B 45 -3.05 49.58 -3.86
CA THR B 45 -3.26 49.83 -5.28
C THR B 45 -3.13 48.53 -6.05
N TRP B 46 -4.07 48.28 -6.95
CA TRP B 46 -4.15 47.00 -7.67
C TRP B 46 -3.31 47.10 -8.94
N VAL B 47 -2.16 46.42 -8.95
CA VAL B 47 -1.26 46.47 -10.08
C VAL B 47 -0.83 45.06 -10.49
N ALA B 48 -1.49 44.05 -9.95
CA ALA B 48 -1.09 42.67 -10.21
C ALA B 48 -2.25 41.74 -9.84
N GLY B 49 -2.02 40.45 -10.02
CA GLY B 49 -3.01 39.45 -9.68
C GLY B 49 -2.68 38.13 -10.35
N VAL B 50 -3.72 37.31 -10.52
CA VAL B 50 -3.62 35.97 -11.08
C VAL B 50 -4.68 35.82 -12.17
N PHE B 51 -4.33 35.12 -13.24
CA PHE B 51 -5.26 34.82 -14.33
C PHE B 51 -5.50 33.32 -14.36
N VAL B 52 -6.77 32.93 -14.22
CA VAL B 52 -7.16 31.53 -14.10
C VAL B 52 -8.22 31.23 -15.14
N TYR B 53 -8.03 30.15 -15.89
CA TYR B 53 -8.92 29.79 -16.99
C TYR B 53 -8.86 28.29 -17.22
N GLY B 54 -9.58 27.82 -18.23
CA GLY B 54 -9.62 26.42 -18.56
C GLY B 54 -10.62 25.65 -17.71
N GLY B 55 -10.81 24.39 -18.08
CA GLY B 55 -11.72 23.55 -17.33
C GLY B 55 -13.17 23.98 -17.52
N SER B 56 -14.03 23.31 -16.76
CA SER B 56 -15.45 23.61 -16.84
C SER B 56 -15.76 24.95 -16.20
N LYS B 57 -16.95 25.47 -16.50
CA LYS B 57 -17.37 26.75 -15.94
C LYS B 57 -17.54 26.66 -14.43
N THR B 58 -18.18 25.59 -13.94
CA THR B 58 -18.45 25.49 -12.52
C THR B 58 -17.17 25.34 -11.71
N SER B 59 -16.20 24.57 -12.23
CA SER B 59 -14.94 24.43 -11.54
C SER B 59 -14.23 25.78 -11.43
N LEU B 60 -14.23 26.55 -12.51
CA LEU B 60 -13.58 27.87 -12.50
C LEU B 60 -14.25 28.80 -11.50
N TYR B 61 -15.59 28.83 -11.49
CA TYR B 61 -16.28 29.69 -10.53
C TYR B 61 -15.99 29.27 -9.10
N ASN B 62 -16.00 27.96 -8.82
CA ASN B 62 -15.72 27.49 -7.48
C ASN B 62 -14.30 27.85 -7.05
N LEU B 63 -13.33 27.71 -7.96
CA LEU B 63 -11.96 28.10 -7.63
C LEU B 63 -11.86 29.59 -7.35
N ARG B 64 -12.59 30.41 -8.13
CA ARG B 64 -12.59 31.85 -7.90
C ARG B 64 -13.15 32.18 -6.51
N ARG B 65 -14.27 31.56 -6.15
CA ARG B 65 -14.85 31.83 -4.83
C ARG B 65 -13.93 31.35 -3.71
N GLY B 66 -13.26 30.22 -3.91
CA GLY B 66 -12.31 29.75 -2.92
C GLY B 66 -11.14 30.70 -2.73
N THR B 67 -10.60 31.22 -3.84
CA THR B 67 -9.55 32.22 -3.74
C THR B 67 -10.06 33.49 -3.06
N ALA B 68 -11.32 33.84 -3.30
CA ALA B 68 -11.90 35.01 -2.63
C ALA B 68 -11.95 34.83 -1.13
N LEU B 69 -12.54 33.72 -0.67
CA LEU B 69 -12.65 33.48 0.77
C LEU B 69 -11.29 33.33 1.42
N ALA B 70 -10.36 32.66 0.73
CA ALA B 70 -9.03 32.46 1.30
C ALA B 70 -8.31 33.79 1.51
N ILE B 71 -8.43 34.71 0.56
CA ILE B 71 -7.77 36.00 0.65
C ILE B 71 -8.82 37.11 0.67
N PRO B 72 -9.27 37.56 1.84
CA PRO B 72 -10.19 38.70 1.88
C PRO B 72 -9.56 40.02 1.43
N GLN B 73 -8.29 40.01 1.01
CA GLN B 73 -7.63 41.20 0.50
C GLN B 73 -7.40 41.12 -1.00
N CYS B 74 -8.25 40.38 -1.71
CA CYS B 74 -8.15 40.19 -3.15
C CYS B 74 -9.34 40.84 -3.84
N ARG B 75 -9.18 41.13 -5.13
CA ARG B 75 -10.26 41.63 -5.96
C ARG B 75 -10.40 40.72 -7.17
N LEU B 76 -11.61 40.23 -7.41
CA LEU B 76 -11.85 39.20 -8.41
C LEU B 76 -12.82 39.70 -9.46
N THR B 77 -12.46 39.53 -10.73
CA THR B 77 -13.32 39.89 -11.85
C THR B 77 -14.34 38.80 -12.11
N PRO B 78 -15.45 39.15 -12.75
CA PRO B 78 -16.42 38.13 -13.18
C PRO B 78 -15.81 37.18 -14.21
N LEU B 79 -16.46 36.03 -14.37
CA LEU B 79 -16.06 35.11 -15.42
C LEU B 79 -16.60 35.58 -16.77
N SER B 80 -15.96 35.10 -17.83
CA SER B 80 -16.40 35.35 -19.21
C SER B 80 -15.72 34.30 -20.09
N ARG B 81 -15.85 34.47 -21.40
CA ARG B 81 -15.35 33.47 -22.35
C ARG B 81 -14.02 33.92 -22.95
N LEU B 82 -13.10 32.97 -23.08
CA LEU B 82 -11.77 33.27 -23.59
C LEU B 82 -11.79 33.53 -25.10
N PRO B 83 -10.86 34.32 -25.60
CA PRO B 83 -10.78 34.57 -27.04
C PRO B 83 -10.10 33.41 -27.78
N PHE B 84 -10.09 33.52 -29.11
CA PHE B 84 -9.47 32.53 -29.99
C PHE B 84 -8.07 33.03 -30.33
N GLY B 85 -7.11 32.71 -29.46
CA GLY B 85 -5.74 33.10 -29.70
C GLY B 85 -5.15 32.37 -30.91
N MET B 86 -3.98 32.85 -31.31
CA MET B 86 -3.32 32.34 -32.52
C MET B 86 -2.85 30.90 -32.28
N ALA B 87 -3.56 29.95 -32.87
CA ALA B 87 -3.13 28.55 -32.84
C ALA B 87 -2.10 28.31 -33.93
N PRO B 88 -1.26 27.27 -33.76
CA PRO B 88 -0.23 26.99 -34.77
C PRO B 88 -0.86 26.66 -36.13
N GLY B 89 -0.15 27.05 -37.19
CA GLY B 89 -0.59 26.80 -38.53
C GLY B 89 -0.86 28.07 -39.30
N PRO B 90 0.00 28.39 -40.27
CA PRO B 90 -0.16 29.62 -41.07
C PRO B 90 -1.29 29.51 -42.09
N GLY B 91 -2.52 29.46 -41.58
CA GLY B 91 -3.69 29.36 -42.43
C GLY B 91 -4.67 30.50 -42.20
N PRO B 92 -5.97 30.20 -42.32
CA PRO B 92 -7.00 31.23 -42.08
C PRO B 92 -7.20 31.51 -40.59
N GLN B 93 -6.36 32.41 -40.06
CA GLN B 93 -6.45 32.77 -38.66
C GLN B 93 -7.80 33.42 -38.37
N PRO B 94 -8.37 33.18 -37.19
CA PRO B 94 -9.73 33.65 -36.91
C PRO B 94 -9.75 35.15 -36.65
N GLY B 95 -10.97 35.68 -36.54
CA GLY B 95 -11.18 37.08 -36.29
C GLY B 95 -10.59 37.51 -34.96
N PRO B 96 -10.08 38.74 -34.90
CA PRO B 96 -9.52 39.23 -33.63
C PRO B 96 -10.53 39.23 -32.49
N LEU B 97 -11.79 39.55 -32.78
CA LEU B 97 -12.83 39.56 -31.75
C LEU B 97 -13.23 38.17 -31.29
N ARG B 98 -12.82 37.11 -31.99
CA ARG B 98 -13.37 35.79 -31.77
C ARG B 98 -13.12 35.31 -30.34
N GLU B 99 -14.13 34.64 -29.78
CA GLU B 99 -14.10 34.12 -28.43
C GLU B 99 -14.28 32.61 -28.46
N SER B 100 -13.63 31.92 -27.53
CA SER B 100 -13.70 30.47 -27.47
C SER B 100 -14.87 30.04 -26.59
N ILE B 101 -14.95 28.75 -26.28
CA ILE B 101 -15.90 28.24 -25.31
C ILE B 101 -15.27 28.07 -23.94
N VAL B 102 -14.03 28.50 -23.77
CA VAL B 102 -13.30 28.34 -22.52
C VAL B 102 -13.53 29.56 -21.65
N CYS B 103 -13.84 29.33 -20.38
CA CYS B 103 -14.09 30.42 -19.45
C CYS B 103 -12.80 30.88 -18.80
N TYR B 104 -12.90 31.99 -18.06
CA TYR B 104 -11.74 32.53 -17.34
C TYR B 104 -12.26 33.43 -16.23
N PHE B 105 -11.40 33.66 -15.23
CA PHE B 105 -11.60 34.73 -14.28
C PHE B 105 -10.24 35.31 -13.93
N MET B 106 -10.24 36.56 -13.46
CA MET B 106 -9.02 37.29 -13.20
C MET B 106 -9.00 37.80 -11.76
N VAL B 107 -7.81 37.80 -11.16
CA VAL B 107 -7.62 38.23 -9.78
C VAL B 107 -6.86 39.55 -9.80
N PHE B 108 -7.26 40.47 -8.92
CA PHE B 108 -6.60 41.76 -8.77
C PHE B 108 -6.04 41.85 -7.36
N LEU B 109 -4.72 41.82 -7.25
CA LEU B 109 -4.00 41.94 -5.99
C LEU B 109 -3.19 43.23 -6.00
N GLN B 110 -2.40 43.43 -4.94
CA GLN B 110 -1.61 44.64 -4.82
C GLN B 110 -0.14 44.46 -5.18
N THR B 111 0.48 43.35 -4.77
CA THR B 111 1.88 43.10 -5.07
C THR B 111 2.00 41.94 -6.05
N HIS B 112 3.23 41.62 -6.43
CA HIS B 112 3.51 40.61 -7.44
C HIS B 112 4.16 39.36 -6.90
N ILE B 113 5.00 39.45 -5.87
CA ILE B 113 5.60 38.27 -5.28
C ILE B 113 4.52 37.40 -4.66
N PHE B 114 3.67 38.00 -3.82
CA PHE B 114 2.55 37.26 -3.25
C PHE B 114 1.55 36.83 -4.31
N ALA B 115 1.44 37.59 -5.41
CA ALA B 115 0.58 37.16 -6.50
C ALA B 115 1.10 35.87 -7.14
N GLU B 116 2.42 35.79 -7.34
CA GLU B 116 3.01 34.56 -7.86
C GLU B 116 2.85 33.41 -6.86
N VAL B 117 2.96 33.71 -5.57
CA VAL B 117 2.74 32.69 -4.55
C VAL B 117 1.32 32.15 -4.64
N LEU B 118 0.34 33.05 -4.79
CA LEU B 118 -1.05 32.62 -4.92
C LEU B 118 -1.27 31.82 -6.20
N LYS B 119 -0.62 32.23 -7.30
CA LYS B 119 -0.71 31.47 -8.54
C LYS B 119 -0.19 30.05 -8.36
N ASP B 120 0.97 29.91 -7.72
CA ASP B 120 1.54 28.58 -7.49
C ASP B 120 0.66 27.75 -6.56
N ALA B 121 0.10 28.38 -5.52
CA ALA B 121 -0.78 27.67 -4.60
C ALA B 121 -2.02 27.16 -5.32
N ILE B 122 -2.61 27.99 -6.18
CA ILE B 122 -3.77 27.57 -6.96
C ILE B 122 -3.40 26.44 -7.92
N LYS B 123 -2.21 26.53 -8.52
CA LYS B 123 -1.74 25.46 -9.39
C LYS B 123 -1.65 24.14 -8.65
N ASP B 124 -1.04 24.14 -7.48
CA ASP B 124 -0.94 22.91 -6.69
C ASP B 124 -2.32 22.41 -6.27
N LEU B 125 -3.18 23.31 -5.82
CA LEU B 125 -4.51 22.94 -5.36
C LEU B 125 -5.31 22.28 -6.48
N VAL B 126 -5.21 22.82 -7.69
CA VAL B 126 -5.85 22.20 -8.85
C VAL B 126 -5.20 20.87 -9.17
N MET B 127 -3.86 20.81 -9.11
CA MET B 127 -3.14 19.61 -9.49
C MET B 127 -3.48 18.43 -8.60
N THR B 128 -3.83 18.67 -7.34
CA THR B 128 -4.19 17.60 -6.44
C THR B 128 -5.62 17.07 -6.65
N LYS B 129 -6.25 17.40 -7.77
CA LYS B 129 -7.64 17.05 -8.01
C LYS B 129 -7.82 16.39 -9.38
N PRO B 130 -8.83 15.50 -9.55
CA PRO B 130 -9.09 14.88 -10.84
C PRO B 130 -10.23 15.63 -11.54
N ALA B 131 -11.12 14.90 -12.22
CA ALA B 131 -12.30 15.55 -12.85
C ALA B 131 -11.81 16.64 -13.81
N PRO B 132 -12.68 17.49 -14.38
CA PRO B 132 -12.23 18.60 -15.24
C PRO B 132 -11.40 19.61 -14.47
N THR B 133 -11.14 19.39 -13.17
CA THR B 133 -10.43 20.42 -12.43
C THR B 133 -9.03 20.62 -12.98
N CYS B 134 -8.33 19.51 -13.28
CA CYS B 134 -6.98 19.60 -13.82
C CYS B 134 -6.94 20.29 -15.17
N ASN B 135 -8.06 20.34 -15.89
CA ASN B 135 -8.12 21.08 -17.14
C ASN B 135 -7.96 22.58 -16.93
N ILE B 136 -8.21 23.07 -15.72
CA ILE B 136 -8.07 24.49 -15.42
C ILE B 136 -6.59 24.87 -15.50
N ARG B 137 -6.30 25.92 -16.26
CA ARG B 137 -4.96 26.47 -16.35
C ARG B 137 -4.88 27.79 -15.59
N VAL B 138 -3.67 28.13 -15.17
CA VAL B 138 -3.44 29.35 -14.40
C VAL B 138 -2.19 30.04 -14.95
N THR B 139 -2.28 31.35 -15.14
CA THR B 139 -1.13 32.16 -15.52
C THR B 139 -1.12 33.43 -14.68
N VAL B 140 -0.05 34.22 -14.85
CA VAL B 140 0.21 35.34 -13.96
C VAL B 140 -0.27 36.63 -14.61
N CYS B 141 -0.34 37.70 -13.82
CA CYS B 141 -0.68 39.03 -14.30
C CYS B 141 0.27 40.04 -13.69
N SER B 142 0.47 41.15 -14.39
CA SER B 142 1.28 42.26 -13.88
C SER B 142 0.72 43.55 -14.50
N PHE B 143 -0.16 44.21 -13.76
CA PHE B 143 -0.80 45.45 -14.24
C PHE B 143 0.06 46.64 -13.85
N ASP B 144 1.19 46.77 -14.54
CA ASP B 144 2.13 47.84 -14.22
C ASP B 144 1.52 49.21 -14.41
N ASP B 145 0.51 49.34 -15.28
CA ASP B 145 -0.11 50.62 -15.52
C ASP B 145 -1.07 50.99 -14.38
N GLY B 146 -2.11 50.18 -14.18
CA GLY B 146 -3.02 50.41 -13.06
C GLY B 146 -4.49 50.25 -13.38
N VAL B 147 -5.18 49.46 -12.56
CA VAL B 147 -6.62 49.24 -12.69
C VAL B 147 -7.30 50.14 -11.67
N ASP B 148 -6.64 51.23 -11.31
CA ASP B 148 -7.09 52.11 -10.24
C ASP B 148 -8.50 52.62 -10.49
N LEU B 149 -9.34 52.55 -9.46
CA LEU B 149 -10.69 53.09 -9.50
C LEU B 149 -11.11 53.45 -8.08
N PRO B 150 -10.73 54.63 -7.61
CA PRO B 150 -11.02 55.02 -6.23
C PRO B 150 -12.50 55.21 -6.01
N PRO B 151 -13.12 54.42 -5.15
CA PRO B 151 -14.55 54.57 -4.89
C PRO B 151 -14.84 55.78 -4.02
N TRP B 152 -16.09 56.22 -4.07
CA TRP B 152 -16.56 57.34 -3.28
C TRP B 152 -17.65 56.94 -2.30
N PHE B 153 -17.92 55.64 -2.17
CA PHE B 153 -18.97 55.13 -1.29
C PHE B 153 -18.32 54.39 -0.12
N PRO B 154 -18.36 54.95 1.09
CA PRO B 154 -17.82 54.24 2.26
C PRO B 154 -18.85 53.29 2.85
N PRO B 155 -18.93 52.04 2.38
CA PRO B 155 -20.05 51.18 2.75
C PRO B 155 -20.09 50.80 4.22
N MET B 156 -18.98 50.96 4.96
CA MET B 156 -18.96 50.56 6.36
C MET B 156 -19.96 51.35 7.19
N VAL B 157 -20.03 52.66 6.98
CA VAL B 157 -20.93 53.51 7.75
C VAL B 157 -21.86 54.34 6.88
N GLU B 158 -21.57 54.54 5.59
CA GLU B 158 -22.43 55.33 4.72
C GLU B 158 -22.38 54.82 3.29
N ARG C 1 -19.06 -21.66 27.53
CA ARG C 1 -19.44 -22.75 28.42
C ARG C 1 -18.24 -23.58 28.85
N ARG C 2 -18.49 -24.83 29.23
CA ARG C 2 -17.44 -25.78 29.56
C ARG C 2 -17.18 -26.71 28.38
N LYS C 3 -16.24 -27.63 28.55
CA LYS C 3 -15.94 -28.60 27.50
C LYS C 3 -17.18 -29.43 27.17
N LYS C 4 -17.51 -29.51 25.89
CA LYS C 4 -18.70 -30.22 25.43
C LYS C 4 -18.33 -31.70 25.27
N GLY C 5 -18.22 -32.38 26.41
CA GLY C 5 -17.84 -33.77 26.45
C GLY C 5 -16.40 -33.99 26.87
N GLY C 6 -16.20 -34.73 27.97
CA GLY C 6 -14.85 -35.12 28.32
C GLY C 6 -14.32 -36.23 27.42
N TRP C 7 -15.15 -37.23 27.14
CA TRP C 7 -14.78 -38.42 26.38
C TRP C 7 -15.70 -38.52 25.18
N PHE C 8 -15.11 -38.58 23.98
CA PHE C 8 -15.86 -38.50 22.74
C PHE C 8 -16.00 -39.83 22.03
N GLY C 9 -15.67 -40.93 22.70
CA GLY C 9 -15.76 -42.23 22.09
C GLY C 9 -14.66 -42.55 21.11
N LYS C 10 -13.69 -41.66 20.94
CA LYS C 10 -12.60 -41.84 19.99
C LYS C 10 -11.35 -42.21 20.76
N HIS C 11 -10.86 -43.42 20.54
CA HIS C 11 -9.61 -43.88 21.14
C HIS C 11 -8.44 -43.31 20.35
N ARG C 12 -7.23 -43.76 20.67
CA ARG C 12 -6.06 -43.35 19.90
C ARG C 12 -6.21 -43.75 18.45
N GLY C 13 -5.95 -42.80 17.54
CA GLY C 13 -6.04 -43.05 16.13
C GLY C 13 -7.39 -42.78 15.50
N GLN C 14 -8.40 -42.45 16.30
CA GLN C 14 -9.74 -42.18 15.78
C GLN C 14 -9.84 -40.69 15.48
N GLY C 15 -9.43 -40.32 14.27
CA GLY C 15 -9.42 -38.92 13.87
C GLY C 15 -10.31 -38.61 12.69
N GLY C 16 -11.38 -37.82 12.93
CA GLY C 16 -12.30 -37.45 11.88
C GLY C 16 -11.97 -36.09 11.27
N SER C 17 -12.77 -35.72 10.28
CA SER C 17 -12.57 -34.46 9.60
C SER C 17 -13.00 -33.29 10.48
N ASN C 18 -12.41 -32.13 10.22
CA ASN C 18 -12.67 -30.93 11.00
C ASN C 18 -12.32 -29.72 10.14
N PRO C 19 -13.12 -28.64 10.18
CA PRO C 19 -12.84 -27.49 9.30
C PRO C 19 -11.44 -26.91 9.48
N LYS C 20 -10.95 -26.83 10.71
CA LYS C 20 -9.59 -26.34 10.93
C LYS C 20 -8.57 -27.29 10.31
N PHE C 21 -8.68 -28.58 10.63
CA PHE C 21 -7.78 -29.57 10.02
C PHE C 21 -8.03 -29.67 8.52
N GLU C 22 -9.26 -29.44 8.07
CA GLU C 22 -9.53 -29.44 6.64
C GLU C 22 -8.76 -28.33 5.93
N ASN C 23 -8.79 -27.12 6.49
CA ASN C 23 -8.05 -26.01 5.89
C ASN C 23 -6.55 -26.25 5.95
N ILE C 24 -6.05 -26.77 7.09
CA ILE C 24 -4.62 -27.04 7.20
C ILE C 24 -4.20 -28.07 6.17
N ALA C 25 -4.99 -29.13 6.01
CA ALA C 25 -4.68 -30.16 5.02
C ALA C 25 -4.74 -29.61 3.61
N GLU C 26 -5.73 -28.76 3.31
CA GLU C 26 -5.82 -28.18 1.98
C GLU C 26 -4.60 -27.31 1.67
N GLY C 27 -4.19 -26.50 2.64
CA GLY C 27 -2.97 -25.72 2.46
C GLY C 27 -1.75 -26.59 2.25
N LEU C 28 -1.65 -27.67 3.01
CA LEU C 28 -0.50 -28.56 2.87
C LEU C 28 -0.46 -29.23 1.50
N ARG C 29 -1.59 -29.80 1.06
CA ARG C 29 -1.60 -30.49 -0.22
C ARG C 29 -1.59 -29.54 -1.41
N ALA C 30 -1.93 -28.27 -1.19
CA ALA C 30 -1.62 -27.26 -2.18
C ALA C 30 -0.12 -26.99 -2.23
N LEU C 31 0.52 -26.94 -1.06
CA LEU C 31 1.97 -26.89 -1.01
C LEU C 31 2.58 -28.19 -1.52
N LEU C 32 1.94 -29.33 -1.21
CA LEU C 32 2.42 -30.62 -1.69
C LEU C 32 2.17 -30.83 -3.19
N ALA C 33 1.34 -29.98 -3.80
CA ALA C 33 1.10 -30.05 -5.24
C ALA C 33 2.08 -29.22 -6.05
N ARG C 34 2.98 -28.48 -5.39
CA ARG C 34 3.97 -27.69 -6.11
C ARG C 34 5.00 -28.56 -6.81
N SER C 35 5.12 -29.83 -6.43
CA SER C 35 6.04 -30.76 -7.06
C SER C 35 5.32 -32.08 -7.28
N HIS C 36 5.78 -32.82 -8.30
CA HIS C 36 5.22 -34.15 -8.58
C HIS C 36 5.66 -35.11 -7.48
N VAL C 37 4.71 -35.52 -6.64
CA VAL C 37 5.00 -36.35 -5.48
C VAL C 37 4.05 -37.54 -5.47
N GLU C 38 4.46 -38.60 -4.78
CA GLU C 38 3.68 -39.82 -4.64
C GLU C 38 3.25 -39.98 -3.19
N ARG C 39 1.94 -40.13 -2.97
CA ARG C 39 1.42 -40.27 -1.62
C ARG C 39 1.73 -41.62 -0.99
N THR C 40 1.98 -42.65 -1.79
CA THR C 40 2.15 -43.99 -1.28
C THR C 40 3.24 -44.71 -2.06
N THR C 41 3.43 -45.99 -1.71
CA THR C 41 4.35 -46.88 -2.40
C THR C 41 3.69 -48.24 -2.52
N ASP C 42 4.12 -49.01 -3.52
CA ASP C 42 3.46 -50.27 -3.84
C ASP C 42 3.44 -51.21 -2.63
N GLU C 43 4.60 -51.42 -2.01
CA GLU C 43 4.65 -52.31 -0.85
C GLU C 43 4.09 -51.66 0.40
N GLY C 44 4.15 -50.33 0.49
CA GLY C 44 3.59 -49.63 1.63
C GLY C 44 4.27 -49.98 2.95
N THR C 45 5.60 -50.06 2.95
CA THR C 45 6.37 -50.37 4.14
C THR C 45 6.98 -49.09 4.69
N TRP C 46 6.83 -48.87 5.99
CA TRP C 46 7.21 -47.61 6.62
C TRP C 46 8.68 -47.66 7.00
N VAL C 47 9.51 -46.93 6.27
CA VAL C 47 10.94 -46.89 6.54
C VAL C 47 11.43 -45.45 6.55
N ALA C 48 10.52 -44.48 6.56
CA ALA C 48 10.90 -43.08 6.49
C ALA C 48 9.74 -42.23 7.02
N GLY C 49 9.96 -40.93 7.02
CA GLY C 49 8.94 -39.99 7.46
C GLY C 49 9.52 -38.62 7.77
N VAL C 50 8.84 -37.92 8.68
CA VAL C 50 9.18 -36.57 9.06
C VAL C 50 9.13 -36.46 10.59
N PHE C 51 10.07 -35.73 11.17
CA PHE C 51 10.11 -35.47 12.60
C PHE C 51 9.79 -34.00 12.84
N VAL C 52 8.75 -33.74 13.64
CA VAL C 52 8.28 -32.39 13.91
C VAL C 52 8.20 -32.19 15.41
N TYR C 53 8.82 -31.11 15.90
CA TYR C 53 8.91 -30.85 17.33
C TYR C 53 8.92 -29.35 17.55
N GLY C 54 9.14 -28.94 18.80
CA GLY C 54 9.20 -27.54 19.13
C GLY C 54 7.87 -26.85 19.10
N GLY C 55 7.78 -25.67 19.70
CA GLY C 55 6.53 -24.94 19.72
C GLY C 55 5.57 -25.46 20.76
N SER C 56 4.43 -24.79 20.86
CA SER C 56 3.43 -25.15 21.86
C SER C 56 2.81 -26.51 21.53
N LYS C 57 2.20 -27.11 22.55
CA LYS C 57 1.58 -28.43 22.38
C LYS C 57 0.36 -28.36 21.48
N THR C 58 -0.51 -27.38 21.70
CA THR C 58 -1.76 -27.30 20.94
C THR C 58 -1.52 -26.92 19.48
N SER C 59 -0.37 -26.35 19.16
CA SER C 59 -0.04 -26.10 17.76
C SER C 59 0.61 -27.31 17.11
N LEU C 60 1.47 -28.01 17.85
CA LEU C 60 2.11 -29.22 17.33
C LEU C 60 1.08 -30.30 17.03
N TYR C 61 0.11 -30.48 17.92
CA TYR C 61 -0.91 -31.48 17.66
C TYR C 61 -1.72 -31.14 16.42
N ASN C 62 -2.08 -29.86 16.25
CA ASN C 62 -2.87 -29.46 15.09
C ASN C 62 -2.08 -29.65 13.81
N LEU C 63 -0.78 -29.34 13.83
CA LEU C 63 0.05 -29.60 12.67
C LEU C 63 0.11 -31.08 12.34
N ARG C 64 0.18 -31.93 13.38
CA ARG C 64 0.14 -33.38 13.18
C ARG C 64 -1.15 -33.80 12.49
N ARG C 65 -2.29 -33.34 12.99
CA ARG C 65 -3.57 -33.72 12.39
C ARG C 65 -3.68 -33.21 10.96
N GLY C 66 -3.17 -32.01 10.70
CA GLY C 66 -3.20 -31.48 9.35
C GLY C 66 -2.36 -32.30 8.38
N THR C 67 -1.16 -32.70 8.82
CA THR C 67 -0.35 -33.59 7.99
C THR C 67 -1.04 -34.93 7.79
N ALA C 68 -1.80 -35.39 8.79
CA ALA C 68 -2.56 -36.63 8.62
C ALA C 68 -3.60 -36.50 7.52
N LEU C 69 -4.44 -35.46 7.61
CA LEU C 69 -5.50 -35.30 6.62
C LEU C 69 -4.94 -35.03 5.23
N ALA C 70 -3.88 -34.21 5.13
CA ALA C 70 -3.31 -33.89 3.83
C ALA C 70 -2.73 -35.13 3.15
N ILE C 71 -2.24 -36.09 3.93
CA ILE C 71 -1.69 -37.33 3.39
C ILE C 71 -2.41 -38.50 4.04
N PRO C 72 -3.54 -38.95 3.49
CA PRO C 72 -4.22 -40.13 4.07
C PRO C 72 -3.43 -41.42 3.94
N GLN C 73 -2.22 -41.35 3.39
CA GLN C 73 -1.34 -42.50 3.26
C GLN C 73 -0.11 -42.37 4.16
N CYS C 74 -0.28 -41.75 5.33
CA CYS C 74 0.79 -41.54 6.29
C CYS C 74 0.46 -42.28 7.59
N ARG C 75 1.47 -42.38 8.46
CA ARG C 75 1.31 -42.96 9.78
C ARG C 75 1.96 -42.03 10.79
N LEU C 76 1.24 -41.73 11.87
CA LEU C 76 1.63 -40.70 12.81
C LEU C 76 1.72 -41.25 14.22
N THR C 77 2.82 -40.93 14.90
CA THR C 77 2.98 -41.24 16.31
C THR C 77 2.34 -40.15 17.17
N PRO C 78 1.93 -40.50 18.38
CA PRO C 78 1.38 -39.49 19.29
C PRO C 78 2.45 -38.50 19.74
N LEU C 79 1.99 -37.40 20.33
CA LEU C 79 2.90 -36.45 20.96
C LEU C 79 3.40 -36.99 22.29
N SER C 80 4.55 -36.49 22.72
CA SER C 80 5.13 -36.85 24.01
C SER C 80 6.15 -35.78 24.37
N ARG C 81 6.58 -35.81 25.63
CA ARG C 81 7.57 -34.84 26.11
C ARG C 81 8.94 -35.18 25.52
N LEU C 82 9.95 -34.45 25.96
CA LEU C 82 11.32 -34.63 25.52
C LEU C 82 12.25 -34.62 26.72
N PRO C 83 13.43 -35.21 26.59
CA PRO C 83 14.47 -34.99 27.60
C PRO C 83 15.32 -33.78 27.22
N PHE C 84 16.36 -33.51 28.00
CA PHE C 84 17.28 -32.42 27.70
C PHE C 84 18.55 -33.03 27.11
N GLY C 85 18.90 -32.62 25.90
CA GLY C 85 20.06 -33.17 25.23
C GLY C 85 21.36 -32.67 25.84
N MET C 86 22.45 -33.00 25.14
CA MET C 86 23.77 -32.57 25.59
C MET C 86 23.90 -31.06 25.55
N ALA C 87 24.41 -30.48 26.62
CA ALA C 87 24.62 -29.05 26.67
C ALA C 87 25.95 -28.68 26.00
N PRO C 88 26.04 -27.48 25.43
CA PRO C 88 27.32 -27.03 24.87
C PRO C 88 28.28 -26.64 25.98
N GLY C 89 29.51 -27.15 25.90
CA GLY C 89 30.52 -26.87 26.89
C GLY C 89 30.68 -28.01 27.88
N PRO C 90 31.89 -28.16 28.43
CA PRO C 90 32.16 -29.24 29.40
C PRO C 90 31.65 -28.93 30.81
N GLY C 91 30.34 -29.07 30.99
CA GLY C 91 29.71 -28.85 32.28
C GLY C 91 28.94 -30.07 32.75
N PRO C 92 28.11 -29.90 33.79
CA PRO C 92 27.30 -31.02 34.27
C PRO C 92 26.17 -31.36 33.31
N GLN C 93 26.31 -32.48 32.60
CA GLN C 93 25.31 -32.88 31.62
C GLN C 93 24.06 -33.41 32.32
N PRO C 94 22.90 -33.28 31.68
CA PRO C 94 21.64 -33.70 32.34
C PRO C 94 21.50 -35.20 32.40
N GLY C 95 20.45 -35.63 33.10
CA GLY C 95 20.15 -37.03 33.27
C GLY C 95 19.28 -37.58 32.15
N PRO C 96 19.33 -38.90 31.95
CA PRO C 96 18.56 -39.49 30.83
C PRO C 96 17.06 -39.49 31.06
N LEU C 97 16.61 -39.62 32.31
CA LEU C 97 15.20 -39.77 32.64
C LEU C 97 14.46 -38.45 32.84
N ARG C 98 15.15 -37.32 32.67
CA ARG C 98 14.54 -36.03 32.93
C ARG C 98 13.53 -35.66 31.86
N GLU C 99 12.52 -34.88 32.24
CA GLU C 99 11.43 -34.51 31.37
C GLU C 99 11.48 -33.02 31.06
N SER C 100 11.45 -32.69 29.77
CA SER C 100 11.39 -31.31 29.33
C SER C 100 9.93 -30.89 29.15
N ILE C 101 9.72 -29.75 28.50
CA ILE C 101 8.37 -29.28 28.16
C ILE C 101 8.14 -29.24 26.66
N VAL C 102 9.15 -29.57 25.87
CA VAL C 102 9.03 -29.54 24.41
C VAL C 102 8.39 -30.83 23.93
N CYS C 103 7.35 -30.71 23.11
CA CYS C 103 6.64 -31.85 22.56
C CYS C 103 7.18 -32.22 21.18
N TYR C 104 6.71 -33.34 20.67
CA TYR C 104 7.13 -33.83 19.36
C TYR C 104 6.15 -34.88 18.87
N PHE C 105 5.95 -34.91 17.56
CA PHE C 105 5.27 -36.03 16.92
C PHE C 105 6.10 -36.47 15.73
N MET C 106 5.97 -37.74 15.36
CA MET C 106 6.76 -38.33 14.30
C MET C 106 5.85 -38.84 13.19
N VAL C 107 6.36 -38.78 11.97
CA VAL C 107 5.62 -39.19 10.78
C VAL C 107 6.29 -40.42 10.19
N PHE C 108 5.49 -41.39 9.77
CA PHE C 108 5.97 -42.63 9.16
C PHE C 108 5.45 -42.70 7.73
N LEU C 109 6.36 -42.57 6.76
CA LEU C 109 6.05 -42.69 5.34
C LEU C 109 6.83 -43.87 4.77
N GLN C 110 6.78 -44.03 3.44
CA GLN C 110 7.48 -45.12 2.77
C GLN C 110 8.79 -44.68 2.14
N THR C 111 8.74 -43.68 1.26
CA THR C 111 9.94 -43.20 0.58
C THR C 111 10.51 -41.99 1.31
N HIS C 112 11.63 -41.48 0.79
CA HIS C 112 12.35 -40.39 1.43
C HIS C 112 12.31 -39.09 0.66
N ILE C 113 12.22 -39.14 -0.67
CA ILE C 113 12.07 -37.90 -1.45
C ILE C 113 10.75 -37.23 -1.10
N PHE C 114 9.67 -38.00 -1.06
CA PHE C 114 8.38 -37.46 -0.66
C PHE C 114 8.40 -36.99 0.79
N ALA C 115 9.15 -37.68 1.65
CA ALA C 115 9.27 -37.23 3.04
C ALA C 115 9.96 -35.88 3.12
N GLU C 116 11.01 -35.69 2.32
CA GLU C 116 11.67 -34.38 2.27
C GLU C 116 10.73 -33.31 1.76
N VAL C 117 9.93 -33.64 0.74
CA VAL C 117 8.96 -32.68 0.21
C VAL C 117 7.94 -32.31 1.28
N LEU C 118 7.48 -33.31 2.04
CA LEU C 118 6.52 -33.05 3.12
C LEU C 118 7.13 -32.17 4.21
N LYS C 119 8.39 -32.44 4.58
CA LYS C 119 9.05 -31.60 5.56
C LYS C 119 9.18 -30.16 5.08
N ASP C 120 9.55 -29.98 3.81
CA ASP C 120 9.65 -28.63 3.26
C ASP C 120 8.30 -27.94 3.24
N ALA C 121 7.24 -28.67 2.88
CA ALA C 121 5.90 -28.10 2.85
C ALA C 121 5.47 -27.68 4.26
N ILE C 122 5.76 -28.52 5.26
CA ILE C 122 5.43 -28.17 6.63
C ILE C 122 6.22 -26.94 7.09
N LYS C 123 7.50 -26.86 6.70
CA LYS C 123 8.30 -25.69 7.05
C LYS C 123 7.69 -24.42 6.46
N ASP C 124 7.29 -24.48 5.18
CA ASP C 124 6.67 -23.31 4.56
C ASP C 124 5.35 -22.96 5.24
N LEU C 125 4.54 -23.99 5.54
CA LEU C 125 3.25 -23.76 6.18
C LEU C 125 3.41 -23.09 7.54
N VAL C 126 4.39 -23.53 8.31
CA VAL C 126 4.70 -22.89 9.59
C VAL C 126 5.20 -21.47 9.37
N MET C 127 6.09 -21.28 8.39
CA MET C 127 6.70 -19.97 8.16
C MET C 127 5.65 -18.94 7.75
N THR C 128 4.55 -19.37 7.13
CA THR C 128 3.50 -18.44 6.77
C THR C 128 2.71 -17.92 7.97
N LYS C 129 2.93 -18.49 9.16
CA LYS C 129 2.11 -18.19 10.33
C LYS C 129 2.97 -17.69 11.48
N PRO C 130 2.42 -16.83 12.38
CA PRO C 130 3.16 -16.34 13.53
C PRO C 130 2.81 -17.18 14.76
N ALA C 131 2.63 -16.55 15.92
CA ALA C 131 2.21 -17.30 17.13
C ALA C 131 3.30 -18.32 17.48
N PRO C 132 3.10 -19.23 18.46
CA PRO C 132 4.09 -20.28 18.74
C PRO C 132 4.37 -21.13 17.49
N THR C 133 3.56 -20.99 16.44
CA THR C 133 3.73 -21.86 15.25
C THR C 133 5.19 -21.82 14.78
N CYS C 134 5.78 -20.61 14.66
CA CYS C 134 7.14 -20.52 14.15
C CYS C 134 8.13 -21.28 15.03
N ASN C 135 7.83 -21.41 16.32
CA ASN C 135 8.72 -22.14 17.22
C ASN C 135 8.77 -23.63 16.90
N ILE C 136 7.82 -24.13 16.11
CA ILE C 136 7.75 -25.55 15.78
C ILE C 136 8.85 -25.85 14.77
N ARG C 137 9.89 -26.54 15.21
CA ARG C 137 10.96 -26.98 14.31
C ARG C 137 10.59 -28.30 13.66
N VAL C 138 11.14 -28.54 12.48
CA VAL C 138 10.88 -29.75 11.72
C VAL C 138 12.19 -30.30 11.19
N THR C 139 12.37 -31.62 11.26
CA THR C 139 13.54 -32.28 10.72
C THR C 139 13.11 -33.57 10.04
N VAL C 140 14.09 -34.28 9.47
CA VAL C 140 13.82 -35.42 8.61
C VAL C 140 13.98 -36.71 9.41
N CYS C 141 13.50 -37.82 8.83
CA CYS C 141 13.70 -39.15 9.38
C CYS C 141 14.08 -40.09 8.25
N SER C 142 14.85 -41.13 8.58
CA SER C 142 15.21 -42.16 7.62
C SER C 142 15.39 -43.47 8.40
N PHE C 143 14.31 -44.26 8.46
CA PHE C 143 14.34 -45.54 9.17
C PHE C 143 14.81 -46.61 8.20
N ASP C 144 16.13 -46.67 8.00
CA ASP C 144 16.70 -47.57 7.01
C ASP C 144 16.38 -49.03 7.32
N ASP C 145 16.24 -49.38 8.60
CA ASP C 145 15.91 -50.75 8.95
C ASP C 145 14.41 -51.01 8.83
N GLY C 146 13.61 -50.30 9.61
CA GLY C 146 12.17 -50.42 9.53
C GLY C 146 11.50 -50.12 10.84
N VAL C 147 10.23 -49.75 10.76
CA VAL C 147 9.35 -49.53 11.90
C VAL C 147 8.27 -50.58 11.82
N ASP C 148 8.65 -51.77 11.36
CA ASP C 148 7.72 -52.78 10.88
C ASP C 148 6.60 -53.06 11.87
N LEU C 149 5.38 -53.08 11.35
CA LEU C 149 4.16 -53.46 12.01
C LEU C 149 3.39 -54.00 10.81
N PRO C 150 2.89 -55.23 10.86
CA PRO C 150 2.38 -55.90 9.65
C PRO C 150 1.31 -55.05 8.98
N PRO C 151 1.61 -54.49 7.80
CA PRO C 151 0.67 -53.60 7.11
C PRO C 151 -0.25 -54.30 6.11
N TRP C 152 -0.83 -55.43 6.53
CA TRP C 152 -1.90 -56.08 5.78
C TRP C 152 -1.60 -56.15 4.28
N PHE C 153 -0.62 -56.97 3.90
CA PHE C 153 -0.02 -57.00 2.56
C PHE C 153 -1.07 -56.74 1.49
N PRO C 154 -0.88 -55.70 0.68
CA PRO C 154 -2.01 -55.06 0.00
C PRO C 154 -2.69 -55.99 -0.99
N PRO C 155 -3.98 -56.23 -0.83
CA PRO C 155 -4.76 -56.88 -1.89
C PRO C 155 -5.37 -55.85 -2.82
N MET C 156 -6.69 -55.68 -2.77
CA MET C 156 -7.38 -54.64 -3.50
C MET C 156 -7.47 -53.33 -2.73
N VAL C 157 -7.08 -53.32 -1.45
CA VAL C 157 -7.17 -52.12 -0.63
C VAL C 157 -5.77 -51.60 -0.29
N LYS D 4 3.18 -52.96 45.33
CA LYS D 4 3.42 -51.55 45.75
C LYS D 4 2.28 -50.66 45.27
N GLY D 5 2.55 -49.38 45.03
CA GLY D 5 1.55 -48.46 44.53
C GLY D 5 1.43 -47.22 45.38
N GLY D 6 0.74 -46.24 44.82
CA GLY D 6 0.57 -44.96 45.46
C GLY D 6 1.70 -44.00 45.17
N TRP D 7 1.40 -42.71 45.30
CA TRP D 7 2.39 -41.65 45.11
C TRP D 7 3.40 -41.71 46.23
N PHE D 8 4.61 -42.20 45.93
CA PHE D 8 5.70 -42.17 46.90
C PHE D 8 6.34 -40.81 46.99
N GLY D 9 5.67 -39.77 46.47
CA GLY D 9 6.22 -38.44 46.43
C GLY D 9 7.17 -38.18 45.28
N LYS D 10 7.80 -39.22 44.75
CA LYS D 10 8.71 -39.05 43.63
C LYS D 10 7.94 -38.59 42.39
N HIS D 11 8.45 -37.54 41.76
CA HIS D 11 7.78 -36.93 40.62
C HIS D 11 8.02 -37.75 39.36
N ARG D 12 7.43 -37.29 38.26
CA ARG D 12 7.59 -37.97 36.97
C ARG D 12 9.02 -37.76 36.47
N GLY D 13 9.78 -38.84 36.40
CA GLY D 13 11.17 -38.75 35.99
C GLY D 13 12.14 -38.65 37.16
N GLN D 14 12.01 -39.55 38.13
CA GLN D 14 12.92 -39.61 39.28
C GLN D 14 13.33 -41.06 39.51
N GLY D 15 14.37 -41.50 38.80
CA GLY D 15 14.83 -42.87 38.94
C GLY D 15 16.35 -42.99 38.93
N GLY D 16 16.86 -44.21 38.78
CA GLY D 16 18.30 -44.38 38.76
C GLY D 16 18.79 -45.82 38.84
N SER D 17 19.88 -46.03 39.57
CA SER D 17 20.61 -47.29 39.56
C SER D 17 19.78 -48.42 40.15
N ASN D 18 20.05 -49.64 39.65
CA ASN D 18 19.41 -50.86 40.12
C ASN D 18 20.21 -52.04 39.59
N PRO D 19 20.37 -53.11 40.37
CA PRO D 19 21.23 -54.23 39.91
C PRO D 19 20.81 -54.84 38.59
N LYS D 20 19.50 -54.99 38.33
CA LYS D 20 19.05 -55.59 37.07
C LYS D 20 19.44 -54.72 35.88
N PHE D 21 19.10 -53.44 35.94
CA PHE D 21 19.49 -52.51 34.89
C PHE D 21 21.01 -52.39 34.83
N GLU D 22 21.68 -52.52 35.98
CA GLU D 22 23.13 -52.52 36.00
C GLU D 22 23.70 -53.66 35.17
N ASN D 23 23.15 -54.86 35.34
CA ASN D 23 23.62 -56.01 34.57
C ASN D 23 23.31 -55.84 33.09
N ILE D 24 22.11 -55.35 32.77
CA ILE D 24 21.74 -55.14 31.37
C ILE D 24 22.70 -54.15 30.71
N ALA D 25 22.99 -53.05 31.41
CA ALA D 25 23.91 -52.06 30.88
C ALA D 25 25.33 -52.57 30.83
N GLU D 26 25.71 -53.44 31.75
CA GLU D 26 27.04 -54.05 31.68
C GLU D 26 27.16 -54.89 30.42
N GLY D 27 26.13 -55.68 30.10
CA GLY D 27 26.14 -56.41 28.84
C GLY D 27 26.20 -55.48 27.63
N LEU D 28 25.40 -54.40 27.67
CA LEU D 28 25.40 -53.45 26.56
C LEU D 28 26.79 -52.85 26.35
N ARG D 29 27.39 -52.31 27.42
CA ARG D 29 28.69 -51.66 27.28
C ARG D 29 29.78 -52.67 26.95
N ALA D 30 29.66 -53.91 27.43
CA ALA D 30 30.60 -54.95 27.04
C ALA D 30 30.54 -55.19 25.53
N LEU D 31 29.32 -55.23 24.98
CA LEU D 31 29.20 -55.24 23.52
C LEU D 31 29.67 -53.93 22.93
N LEU D 32 29.42 -52.81 23.61
CA LEU D 32 29.82 -51.52 23.10
C LEU D 32 31.32 -51.27 23.26
N ALA D 33 31.99 -51.98 24.16
CA ALA D 33 33.42 -51.79 24.37
C ALA D 33 34.28 -52.68 23.49
N ARG D 34 33.68 -53.52 22.64
CA ARG D 34 34.47 -54.34 21.74
C ARG D 34 35.11 -53.51 20.63
N SER D 35 34.62 -52.30 20.40
CA SER D 35 35.21 -51.41 19.40
C SER D 35 34.92 -49.98 19.82
N HIS D 36 35.97 -49.20 20.08
CA HIS D 36 35.80 -47.83 20.54
C HIS D 36 35.21 -46.96 19.43
N VAL D 37 34.26 -46.11 19.82
CA VAL D 37 33.64 -45.15 18.91
C VAL D 37 33.57 -43.80 19.63
N GLU D 38 33.42 -42.75 18.82
CA GLU D 38 33.25 -41.39 19.35
C GLU D 38 31.82 -41.26 19.87
N ARG D 39 31.61 -41.70 21.11
CA ARG D 39 30.29 -41.68 21.72
C ARG D 39 29.78 -40.28 22.00
N THR D 40 30.63 -39.26 21.89
CA THR D 40 30.25 -37.88 22.13
C THR D 40 30.60 -37.04 20.91
N THR D 41 29.92 -35.91 20.77
CA THR D 41 30.11 -35.01 19.64
C THR D 41 30.52 -33.62 20.13
N ASP D 42 31.22 -32.89 19.26
CA ASP D 42 31.63 -31.53 19.59
C ASP D 42 30.45 -30.56 19.52
N GLU D 43 29.59 -30.72 18.51
CA GLU D 43 28.49 -29.78 18.31
C GLU D 43 27.45 -29.86 19.42
N GLY D 44 27.38 -30.98 20.15
CA GLY D 44 26.39 -31.13 21.20
C GLY D 44 25.11 -31.78 20.71
N THR D 45 24.48 -31.19 19.71
CA THR D 45 23.28 -31.78 19.12
C THR D 45 23.65 -33.06 18.37
N TRP D 46 22.76 -34.05 18.43
CA TRP D 46 23.01 -35.35 17.85
C TRP D 46 22.42 -35.42 16.44
N VAL D 47 22.85 -36.44 15.69
CA VAL D 47 22.41 -36.64 14.32
C VAL D 47 21.60 -37.92 14.14
N ALA D 48 21.42 -38.70 15.20
CA ALA D 48 20.65 -39.94 15.10
C ALA D 48 19.92 -40.18 16.42
N GLY D 49 18.90 -41.02 16.36
CA GLY D 49 18.15 -41.38 17.54
C GLY D 49 18.10 -42.88 17.76
N VAL D 50 17.29 -43.32 18.72
CA VAL D 50 17.08 -44.74 18.98
C VAL D 50 15.59 -44.97 19.11
N PHE D 51 15.11 -46.06 18.51
CA PHE D 51 13.69 -46.34 18.38
C PHE D 51 13.38 -47.78 18.76
N VAL D 52 13.84 -48.19 19.95
CA VAL D 52 13.55 -49.54 20.43
C VAL D 52 12.04 -49.75 20.49
N TYR D 53 11.55 -50.69 19.69
CA TYR D 53 10.12 -51.00 19.67
C TYR D 53 9.93 -52.50 19.71
N GLY D 54 8.76 -52.91 20.21
CA GLY D 54 8.42 -54.32 20.27
C GLY D 54 8.34 -54.83 21.70
N GLY D 55 8.62 -56.12 21.89
CA GLY D 55 8.61 -56.74 23.19
C GLY D 55 7.32 -56.52 23.95
N SER D 56 7.39 -55.78 25.04
CA SER D 56 6.22 -55.39 25.81
C SER D 56 6.54 -54.11 26.56
N LYS D 57 5.50 -53.52 27.15
CA LYS D 57 5.69 -52.26 27.87
C LYS D 57 6.65 -52.43 29.04
N THR D 58 6.48 -53.50 29.81
CA THR D 58 7.33 -53.72 30.98
C THR D 58 8.77 -53.99 30.58
N SER D 59 8.97 -54.87 29.60
CA SER D 59 10.31 -55.13 29.09
C SER D 59 10.93 -53.87 28.52
N LEU D 60 10.14 -53.08 27.80
CA LEU D 60 10.68 -51.87 27.20
C LEU D 60 11.08 -50.85 28.27
N TYR D 61 10.29 -50.71 29.33
CA TYR D 61 10.65 -49.79 30.41
C TYR D 61 11.91 -50.25 31.13
N ASN D 62 12.02 -51.56 31.37
CA ASN D 62 13.24 -52.08 31.98
C ASN D 62 14.44 -51.81 31.09
N LEU D 63 14.29 -52.00 29.78
CA LEU D 63 15.39 -51.68 28.87
C LEU D 63 15.66 -50.19 28.83
N ARG D 64 14.64 -49.36 29.03
CA ARG D 64 14.85 -47.92 29.09
C ARG D 64 15.73 -47.55 30.29
N ARG D 65 15.46 -48.14 31.45
CA ARG D 65 16.33 -47.91 32.60
C ARG D 65 17.72 -48.47 32.36
N GLY D 66 17.81 -49.65 31.73
CA GLY D 66 19.11 -50.24 31.42
C GLY D 66 19.89 -49.49 30.38
N THR D 67 19.24 -48.64 29.61
CA THR D 67 19.92 -47.74 28.69
C THR D 67 20.25 -46.40 29.34
N ALA D 68 19.40 -45.95 30.28
CA ALA D 68 19.72 -44.75 31.06
C ALA D 68 21.01 -44.94 31.84
N LEU D 69 21.12 -46.06 32.54
CA LEU D 69 22.33 -46.34 33.31
C LEU D 69 23.35 -47.13 32.50
N ALA D 70 23.60 -46.71 31.28
CA ALA D 70 24.52 -47.43 30.40
C ALA D 70 25.58 -46.54 29.79
N ILE D 71 25.26 -45.30 29.47
CA ILE D 71 26.19 -44.36 28.85
C ILE D 71 25.87 -42.96 29.34
N PRO D 72 26.84 -42.03 29.33
CA PRO D 72 26.52 -40.64 29.71
C PRO D 72 25.88 -39.85 28.59
N GLN D 73 26.12 -40.23 27.33
CA GLN D 73 25.60 -39.48 26.18
C GLN D 73 24.29 -40.08 25.69
N CYS D 74 23.27 -40.05 26.56
CA CYS D 74 21.97 -40.60 26.22
C CYS D 74 20.90 -39.94 27.10
N ARG D 75 19.80 -39.54 26.48
CA ARG D 75 18.67 -38.92 27.16
C ARG D 75 17.38 -39.50 26.60
N LEU D 76 16.44 -39.83 27.47
CA LEU D 76 15.30 -40.68 27.11
C LEU D 76 13.98 -39.94 27.19
N THR D 77 13.12 -40.17 26.19
CA THR D 77 11.72 -39.78 26.20
C THR D 77 10.89 -40.83 26.93
N PRO D 78 9.70 -40.47 27.38
CA PRO D 78 8.76 -41.50 27.83
C PRO D 78 8.43 -42.46 26.69
N LEU D 79 8.13 -43.70 27.05
CA LEU D 79 7.73 -44.67 26.05
C LEU D 79 6.41 -44.26 25.40
N SER D 80 6.30 -44.47 24.09
CA SER D 80 5.09 -44.15 23.35
C SER D 80 4.74 -45.32 22.46
N ARG D 81 3.54 -45.27 21.87
CA ARG D 81 3.04 -46.37 21.05
C ARG D 81 3.26 -46.08 19.57
N LEU D 82 3.00 -47.11 18.75
CA LEU D 82 3.30 -47.07 17.33
C LEU D 82 2.03 -47.10 16.49
N PRO D 83 2.00 -46.40 15.36
CA PRO D 83 0.83 -46.46 14.49
C PRO D 83 0.69 -47.81 13.79
N PHE D 84 -0.56 -48.18 13.53
CA PHE D 84 -0.85 -49.42 12.82
C PHE D 84 -0.26 -49.37 11.41
N GLY D 85 0.32 -50.48 10.98
CA GLY D 85 0.71 -50.57 9.58
C GLY D 85 -0.54 -50.55 8.73
N MET D 86 -1.32 -51.64 8.81
CA MET D 86 -2.67 -51.70 8.27
C MET D 86 -3.43 -52.73 9.08
N ALA D 87 -4.54 -52.34 9.67
CA ALA D 87 -5.25 -53.20 10.62
C ALA D 87 -5.93 -54.35 9.89
N PRO D 88 -5.66 -55.60 10.27
CA PRO D 88 -6.34 -56.74 9.66
C PRO D 88 -7.77 -56.95 10.16
N GLY D 89 -8.20 -56.19 11.15
CA GLY D 89 -9.54 -56.33 11.70
C GLY D 89 -10.64 -56.01 10.71
N PRO D 90 -10.75 -54.74 10.33
CA PRO D 90 -11.79 -54.34 9.37
C PRO D 90 -11.39 -54.72 7.95
N GLY D 91 -12.24 -54.34 7.00
CA GLY D 91 -12.02 -54.61 5.61
C GLY D 91 -11.02 -53.66 4.96
N PRO D 92 -11.34 -52.38 4.90
CA PRO D 92 -10.43 -51.40 4.30
C PRO D 92 -9.28 -51.06 5.23
N GLN D 93 -8.41 -50.17 4.77
CA GLN D 93 -7.24 -49.76 5.53
C GLN D 93 -7.65 -48.85 6.69
N PRO D 94 -6.92 -48.90 7.80
CA PRO D 94 -7.23 -48.03 8.94
C PRO D 94 -6.78 -46.60 8.66
N GLY D 95 -7.19 -45.70 9.54
CA GLY D 95 -6.84 -44.31 9.43
C GLY D 95 -5.34 -44.11 9.59
N PRO D 96 -4.84 -42.98 9.09
CA PRO D 96 -3.40 -42.68 9.26
C PRO D 96 -2.97 -42.61 10.72
N LEU D 97 -3.87 -42.19 11.61
CA LEU D 97 -3.54 -42.01 13.02
C LEU D 97 -3.64 -43.30 13.83
N ARG D 98 -4.18 -44.38 13.26
CA ARG D 98 -4.43 -45.59 14.02
C ARG D 98 -3.13 -46.16 14.60
N GLU D 99 -3.09 -46.32 15.92
CA GLU D 99 -1.88 -46.68 16.64
C GLU D 99 -2.04 -48.04 17.28
N SER D 100 -1.00 -48.88 17.13
CA SER D 100 -1.03 -50.26 17.59
C SER D 100 -0.69 -50.32 19.08
N ILE D 101 -0.47 -51.53 19.58
CA ILE D 101 -0.09 -51.74 20.98
C ILE D 101 1.40 -51.98 21.13
N VAL D 102 2.17 -51.93 20.05
CA VAL D 102 3.62 -52.01 20.13
C VAL D 102 4.16 -50.67 20.57
N CYS D 103 4.97 -50.67 21.63
CA CYS D 103 5.48 -49.44 22.22
C CYS D 103 6.87 -49.12 21.72
N TYR D 104 7.34 -47.92 22.03
CA TYR D 104 8.67 -47.46 21.65
C TYR D 104 9.06 -46.31 22.56
N PHE D 105 10.37 -46.04 22.62
CA PHE D 105 10.85 -44.82 23.25
C PHE D 105 12.06 -44.32 22.48
N MET D 106 12.42 -43.07 22.74
CA MET D 106 13.39 -42.34 21.93
C MET D 106 14.53 -41.85 22.81
N VAL D 107 15.75 -42.25 22.46
CA VAL D 107 16.98 -41.68 23.01
C VAL D 107 17.91 -41.39 21.83
N PHE D 108 18.55 -40.23 21.86
CA PHE D 108 19.26 -39.70 20.70
C PHE D 108 20.77 -39.87 20.86
N LEU D 109 21.42 -40.45 19.84
CA LEU D 109 22.85 -40.69 19.85
C LEU D 109 23.49 -40.12 18.61
N GLN D 110 24.60 -39.40 18.79
CA GLN D 110 25.34 -38.90 17.64
C GLN D 110 26.10 -40.03 16.95
N THR D 111 26.49 -39.78 15.70
CA THR D 111 27.27 -40.70 14.87
C THR D 111 26.45 -41.94 14.51
N HIS D 112 26.72 -42.51 13.34
CA HIS D 112 25.97 -43.67 12.89
C HIS D 112 26.31 -44.92 13.70
N ILE D 113 27.61 -45.18 13.89
CA ILE D 113 28.03 -46.44 14.50
C ILE D 113 27.61 -46.50 15.97
N PHE D 114 27.80 -45.41 16.71
CA PHE D 114 27.42 -45.42 18.11
C PHE D 114 25.91 -45.54 18.27
N ALA D 115 25.15 -44.90 17.38
CA ALA D 115 23.69 -45.06 17.42
C ALA D 115 23.30 -46.50 17.16
N GLU D 116 23.94 -47.15 16.18
CA GLU D 116 23.56 -48.51 15.83
C GLU D 116 23.95 -49.52 16.92
N VAL D 117 25.11 -49.34 17.54
CA VAL D 117 25.61 -50.38 18.45
C VAL D 117 24.76 -50.46 19.72
N LEU D 118 24.22 -49.34 20.20
CA LEU D 118 23.35 -49.40 21.37
C LEU D 118 22.14 -50.28 21.09
N LYS D 119 21.49 -50.05 19.95
CA LYS D 119 20.33 -50.85 19.56
C LYS D 119 20.72 -52.31 19.37
N ASP D 120 21.87 -52.57 18.74
CA ASP D 120 22.31 -53.94 18.53
C ASP D 120 22.56 -54.65 19.84
N ALA D 121 23.17 -53.96 20.81
CA ALA D 121 23.40 -54.55 22.12
C ALA D 121 22.09 -54.80 22.85
N ILE D 122 21.14 -53.88 22.73
CA ILE D 122 19.81 -54.10 23.32
C ILE D 122 19.19 -55.37 22.75
N LYS D 123 19.23 -55.50 21.42
CA LYS D 123 18.67 -56.68 20.76
C LYS D 123 19.35 -57.96 21.20
N ASP D 124 20.68 -57.94 21.26
CA ASP D 124 21.40 -59.15 21.64
C ASP D 124 21.15 -59.52 23.10
N LEU D 125 21.09 -58.51 23.98
CA LEU D 125 20.81 -58.79 25.38
C LEU D 125 19.42 -59.37 25.58
N VAL D 126 18.41 -58.81 24.90
CA VAL D 126 17.07 -59.36 25.03
C VAL D 126 16.97 -60.72 24.34
N MET D 127 17.84 -61.00 23.37
CA MET D 127 17.90 -62.35 22.82
C MET D 127 18.47 -63.33 23.84
N THR D 128 19.47 -62.90 24.61
CA THR D 128 19.99 -63.75 25.67
C THR D 128 18.93 -64.04 26.73
N LYS D 129 18.11 -63.03 27.05
CA LYS D 129 17.02 -63.17 28.01
C LYS D 129 15.99 -64.17 27.51
N PRO D 130 14.88 -64.44 28.24
CA PRO D 130 13.80 -65.29 27.71
C PRO D 130 13.14 -64.71 26.44
N ALA D 131 11.89 -65.08 26.17
CA ALA D 131 11.22 -64.65 24.91
C ALA D 131 10.37 -63.38 25.09
N PRO D 132 9.63 -63.17 26.21
CA PRO D 132 8.74 -62.00 26.35
C PRO D 132 9.44 -60.69 25.98
N THR D 133 10.75 -60.77 25.67
CA THR D 133 11.50 -59.58 25.28
C THR D 133 12.31 -59.77 24.02
N CYS D 134 12.36 -61.00 23.47
CA CYS D 134 13.10 -61.22 22.23
C CYS D 134 12.45 -60.51 21.06
N ASN D 135 11.18 -60.13 21.16
CA ASN D 135 10.51 -59.40 20.10
C ASN D 135 10.85 -57.92 20.19
N ILE D 136 12.14 -57.60 20.25
CA ILE D 136 12.61 -56.22 20.27
C ILE D 136 13.43 -56.00 19.02
N ARG D 137 13.02 -55.03 18.20
CA ARG D 137 13.68 -54.70 16.96
C ARG D 137 13.85 -53.19 16.88
N VAL D 138 15.03 -52.74 16.45
CA VAL D 138 15.36 -51.33 16.40
C VAL D 138 15.85 -50.98 15.00
N THR D 139 15.89 -49.68 14.71
CA THR D 139 16.19 -49.19 13.37
C THR D 139 17.23 -48.08 13.43
N VAL D 140 17.95 -47.92 12.33
CA VAL D 140 18.99 -46.88 12.22
C VAL D 140 18.30 -45.63 11.70
N CYS D 141 17.69 -44.90 12.62
CA CYS D 141 16.96 -43.67 12.28
C CYS D 141 17.97 -42.53 12.22
N SER D 142 18.59 -42.37 11.06
CA SER D 142 19.60 -41.34 10.86
C SER D 142 18.97 -40.12 10.19
N PHE D 143 19.21 -38.95 10.77
CA PHE D 143 18.68 -37.70 10.24
C PHE D 143 19.86 -36.79 9.89
N ASP D 144 19.91 -36.34 8.63
CA ASP D 144 21.00 -35.47 8.21
C ASP D 144 20.91 -34.10 8.86
N ASP D 145 19.73 -33.48 8.83
CA ASP D 145 19.58 -32.15 9.38
C ASP D 145 19.66 -32.14 10.90
N GLY D 146 19.50 -33.29 11.55
CA GLY D 146 19.66 -33.37 12.99
C GLY D 146 18.47 -32.81 13.75
N VAL D 147 18.54 -32.95 15.06
CA VAL D 147 17.50 -32.51 15.97
C VAL D 147 18.11 -31.48 16.93
N ASP D 148 17.42 -30.34 17.08
CA ASP D 148 17.89 -29.27 17.96
C ASP D 148 17.17 -29.39 19.29
N LEU D 149 17.62 -30.35 20.10
CA LEU D 149 17.04 -30.57 21.41
C LEU D 149 17.43 -29.44 22.37
N PRO D 150 16.61 -29.16 23.37
CA PRO D 150 16.96 -28.15 24.37
C PRO D 150 18.11 -28.64 25.24
N PRO D 151 19.23 -27.92 25.27
CA PRO D 151 20.40 -28.36 26.03
C PRO D 151 20.45 -27.88 27.48
N TRP D 152 19.44 -27.16 27.95
CA TRP D 152 19.43 -26.65 29.31
C TRP D 152 19.27 -27.80 30.30
N PHE D 153 20.36 -28.15 30.98
CA PHE D 153 20.27 -29.23 31.97
C PHE D 153 19.53 -28.75 33.21
N PRO D 154 18.91 -29.66 33.96
CA PRO D 154 18.15 -29.26 35.16
C PRO D 154 19.00 -28.50 36.17
N PRO D 155 20.27 -28.84 36.40
CA PRO D 155 21.10 -28.03 37.29
C PRO D 155 21.65 -26.75 36.68
N MET D 156 21.17 -26.34 35.49
CA MET D 156 21.62 -25.08 34.91
C MET D 156 20.95 -23.87 35.53
N VAL D 157 19.89 -24.06 36.31
CA VAL D 157 19.26 -22.93 37.00
C VAL D 157 20.19 -22.38 38.08
N GLU D 158 20.91 -23.27 38.78
CA GLU D 158 21.80 -22.86 39.86
C GLU D 158 23.20 -23.42 39.69
N GLY D 159 23.61 -23.68 38.46
CA GLY D 159 24.95 -24.20 38.21
C GLY D 159 25.33 -24.08 36.76
N ALA D 160 26.64 -24.04 36.53
CA ALA D 160 27.19 -23.92 35.18
C ALA D 160 28.65 -24.36 35.15
#